data_7K12
#
_entry.id   7K12
#
_cell.length_a   93.588
_cell.length_b   93.588
_cell.length_c   445.743
_cell.angle_alpha   90.000
_cell.angle_beta   90.000
_cell.angle_gamma   120.000
#
_symmetry.space_group_name_H-M   'P 61 2 2'
#
loop_
_entity.id
_entity.type
_entity.pdbx_description
1 polymer '2-amino-3-carboxymuconate 6-semialdehyde decarboxylase'
2 non-polymer 'ZINC ION'
3 non-polymer '5-(2,4-DIFLUOROPHENYL)-2-HYDROXY-BENZOIC ACID'
4 non-polymer 'CITRIC ACID'
5 water water
#
_entity_poly.entity_id   1
_entity_poly.type   'polypeptide(L)'
_entity_poly.pdbx_seq_one_letter_code
;MGHHHHHHHHHHSSGHIEGRHMKKPRIDMHSHFFPRISEQEAAKFDANHAPWLQVSAKGDTGSIMMGKNNFRPVYQALWD
PAFRIEEMDAQGVDVQVTCATPVMFGYTWEANKAAQWAERMNDFALEFAAHNPQRIKVLAQVPLQDLDLACKEASRAVAA
GHLGIQIGNHLGDKDLDDATLEAFLTHCANEDIPILVHPWDMMGGQRMKKWMLPWLVAMPAETQLAILSLILSGAFERIP
KSLKICFGHGGGSFAFLLGRVDNAWRHRDIVREDCPRPPSEYVDRFFVDSAVFNPGALELLVSVMGEDRVMLGSDYPFPL
GEQKIGGLVLSSNLGESAKDKIISGNASKFFNINV
;
_entity_poly.pdbx_strand_id   A,B
#
loop_
_chem_comp.id
_chem_comp.type
_chem_comp.name
_chem_comp.formula
1FL non-polymer '5-(2,4-DIFLUOROPHENYL)-2-HYDROXY-BENZOIC ACID' 'C13 H8 F2 O3'
CIT non-polymer 'CITRIC ACID' 'C6 H8 O7'
ZN non-polymer 'ZINC ION' 'Zn 2'
#
# COMPACT_ATOMS: atom_id res chain seq x y z
N LYS A 24 14.07 -33.19 4.17
CA LYS A 24 13.19 -32.12 3.73
C LYS A 24 11.90 -32.04 4.57
N PRO A 25 12.04 -31.52 5.81
CA PRO A 25 10.83 -31.19 6.57
C PRO A 25 10.00 -30.13 5.85
N ARG A 26 8.86 -29.79 6.45
CA ARG A 26 8.08 -28.64 6.02
C ARG A 26 7.93 -27.74 7.24
N ILE A 27 8.42 -26.51 7.12
CA ILE A 27 8.40 -25.54 8.20
C ILE A 27 7.46 -24.42 7.82
N ASP A 28 6.46 -24.18 8.64
CA ASP A 28 5.58 -23.02 8.53
C ASP A 28 6.05 -22.04 9.59
N MET A 29 6.66 -20.92 9.15
CA MET A 29 7.26 -19.99 10.10
C MET A 29 6.37 -18.81 10.45
N HIS A 30 5.14 -18.77 9.94
CA HIS A 30 4.23 -17.65 10.22
C HIS A 30 2.88 -18.19 10.68
N SER A 31 2.64 -18.15 11.98
CA SER A 31 1.38 -18.58 12.54
C SER A 31 1.24 -17.90 13.90
N HIS A 32 0.03 -17.99 14.47
CA HIS A 32 -0.24 -17.34 15.74
C HIS A 32 -0.96 -18.29 16.69
N PHE A 33 -0.86 -17.94 17.98
CA PHE A 33 -1.54 -18.64 19.06
C PHE A 33 -2.14 -17.58 19.98
N PHE A 34 -3.01 -18.01 20.90
CA PHE A 34 -3.53 -17.13 21.95
C PHE A 34 -3.60 -17.93 23.25
N PRO A 35 -3.13 -17.36 24.36
CA PRO A 35 -3.00 -18.17 25.59
C PRO A 35 -4.34 -18.44 26.24
N ARG A 36 -4.34 -19.48 27.09
CA ARG A 36 -5.52 -19.87 27.86
C ARG A 36 -5.48 -19.15 29.20
N ILE A 37 -5.87 -17.88 29.18
CA ILE A 37 -5.74 -17.01 30.35
C ILE A 37 -7.13 -16.62 30.84
N SER A 38 -7.33 -16.72 32.16
CA SER A 38 -8.62 -16.48 32.81
C SER A 38 -9.06 -15.03 32.64
N GLU A 39 -10.31 -14.76 33.02
CA GLU A 39 -10.79 -13.38 33.03
C GLU A 39 -9.99 -12.55 34.03
N GLN A 40 -9.68 -13.14 35.18
CA GLN A 40 -8.59 -12.70 36.04
C GLN A 40 -7.99 -13.96 36.62
N GLU A 41 -6.70 -14.23 36.39
CA GLU A 41 -5.57 -13.42 35.89
C GLU A 41 -5.64 -12.11 35.09
N ALA A 42 -6.30 -12.10 33.93
CA ALA A 42 -6.15 -10.97 33.01
C ALA A 42 -6.50 -9.63 33.67
N ALA A 43 -7.39 -9.63 34.66
CA ALA A 43 -7.76 -8.38 35.31
C ALA A 43 -6.75 -7.94 36.37
N LYS A 44 -5.80 -8.79 36.77
CA LYS A 44 -4.69 -8.33 37.60
C LYS A 44 -3.74 -7.41 36.86
N PHE A 45 -3.92 -7.25 35.54
CA PHE A 45 -3.20 -6.28 34.74
C PHE A 45 -4.08 -5.12 34.30
N ASP A 46 -5.30 -5.41 33.89
CA ASP A 46 -6.24 -4.41 33.38
C ASP A 46 -7.58 -5.07 33.13
N ALA A 47 -8.67 -4.46 33.61
CA ALA A 47 -9.99 -4.95 33.24
C ALA A 47 -10.27 -4.65 31.77
N ASN A 48 -10.27 -3.37 31.41
CA ASN A 48 -10.79 -2.94 30.11
C ASN A 48 -9.90 -3.34 28.95
N HIS A 49 -8.60 -3.56 29.17
CA HIS A 49 -7.67 -3.66 28.05
C HIS A 49 -6.81 -4.91 28.02
N ALA A 50 -6.74 -5.70 29.10
CA ALA A 50 -5.98 -6.94 29.05
C ALA A 50 -6.88 -8.06 28.53
N PRO A 51 -6.56 -8.67 27.39
CA PRO A 51 -7.46 -9.65 26.80
C PRO A 51 -7.35 -11.00 27.48
N TRP A 52 -8.40 -11.81 27.31
CA TRP A 52 -8.42 -13.14 27.89
C TRP A 52 -9.23 -14.07 26.98
N LEU A 53 -9.27 -15.34 27.35
CA LEU A 53 -9.84 -16.39 26.52
C LEU A 53 -11.07 -16.96 27.20
N GLN A 54 -12.23 -16.79 26.57
CA GLN A 54 -13.48 -17.42 26.99
C GLN A 54 -13.74 -18.63 26.10
N VAL A 55 -13.86 -19.80 26.71
CA VAL A 55 -14.03 -21.04 25.96
C VAL A 55 -15.29 -21.73 26.45
N SER A 56 -15.91 -22.51 25.57
CA SER A 56 -17.21 -23.11 25.81
C SER A 56 -17.07 -24.33 26.71
N ALA A 57 -18.14 -25.12 26.78
CA ALA A 57 -18.04 -26.55 27.02
C ALA A 57 -18.08 -27.34 25.74
N LYS A 58 -18.81 -26.82 24.74
CA LYS A 58 -18.74 -27.34 23.37
C LYS A 58 -17.29 -27.46 22.91
N GLY A 59 -16.44 -26.52 23.32
CA GLY A 59 -14.99 -26.63 23.20
C GLY A 59 -14.36 -26.19 21.89
N ASP A 60 -15.06 -26.40 20.79
CA ASP A 60 -14.60 -25.98 19.48
C ASP A 60 -14.64 -24.48 19.29
N THR A 61 -15.36 -23.78 20.16
CA THR A 61 -15.69 -22.38 19.96
C THR A 61 -15.26 -21.56 21.17
N GLY A 62 -14.83 -20.33 20.90
CA GLY A 62 -14.36 -19.45 21.96
C GLY A 62 -14.21 -18.05 21.42
N SER A 63 -13.91 -17.13 22.33
CA SER A 63 -13.75 -15.74 21.97
C SER A 63 -12.64 -15.13 22.82
N ILE A 64 -11.95 -14.16 22.23
CA ILE A 64 -11.00 -13.32 22.95
C ILE A 64 -11.81 -12.19 23.57
N MET A 65 -11.78 -12.10 24.89
CA MET A 65 -12.54 -11.07 25.58
C MET A 65 -11.62 -9.95 26.04
N MET A 66 -12.09 -8.71 25.87
CA MET A 66 -11.51 -7.53 26.51
C MET A 66 -12.46 -7.10 27.61
N GLY A 67 -12.00 -7.19 28.86
CA GLY A 67 -12.89 -6.96 29.99
C GLY A 67 -14.07 -7.90 29.99
N LYS A 68 -15.25 -7.37 29.69
CA LYS A 68 -16.42 -8.19 29.42
C LYS A 68 -17.03 -7.89 28.05
N ASN A 69 -16.40 -7.02 27.25
CA ASN A 69 -16.71 -6.89 25.83
C ASN A 69 -16.44 -8.22 25.14
N ASN A 70 -16.66 -8.30 23.85
CA ASN A 70 -16.17 -9.42 23.04
C ASN A 70 -14.92 -8.95 22.30
N PHE A 71 -14.79 -9.20 20.98
CA PHE A 71 -13.55 -9.22 20.18
C PHE A 71 -13.49 -10.62 19.59
N ARG A 72 -13.36 -10.70 18.26
CA ARG A 72 -13.01 -11.90 17.50
C ARG A 72 -13.42 -13.25 18.11
N PRO A 73 -14.44 -13.93 17.58
CA PRO A 73 -14.57 -15.36 17.84
C PRO A 73 -13.37 -16.09 17.26
N VAL A 74 -12.94 -17.16 17.95
CA VAL A 74 -11.68 -17.80 17.61
C VAL A 74 -11.87 -19.30 17.45
N TYR A 75 -11.11 -19.87 16.52
CA TYR A 75 -11.07 -21.30 16.28
C TYR A 75 -10.23 -21.99 17.35
N GLN A 76 -10.50 -23.29 17.57
CA GLN A 76 -9.89 -24.02 18.66
C GLN A 76 -8.38 -24.21 18.48
N ALA A 77 -7.92 -24.36 17.24
CA ALA A 77 -6.49 -24.53 16.97
C ALA A 77 -5.67 -23.30 17.33
N LEU A 78 -6.31 -22.14 17.52
CA LEU A 78 -5.57 -20.96 17.97
C LEU A 78 -4.97 -21.18 19.35
N TRP A 79 -5.63 -21.96 20.22
CA TRP A 79 -5.20 -22.09 21.61
C TRP A 79 -4.86 -23.51 22.02
N ASP A 80 -5.26 -24.51 21.25
CA ASP A 80 -5.14 -25.90 21.68
C ASP A 80 -4.00 -26.57 20.95
N PRO A 81 -2.86 -26.83 21.62
CA PRO A 81 -1.71 -27.40 20.89
C PRO A 81 -1.96 -28.80 20.35
N ALA A 82 -2.70 -29.63 21.08
CA ALA A 82 -2.99 -30.97 20.60
C ALA A 82 -3.88 -30.93 19.36
N PHE A 83 -4.96 -30.16 19.44
CA PHE A 83 -5.82 -29.94 18.29
C PHE A 83 -5.01 -29.42 17.11
N ARG A 84 -4.03 -28.54 17.38
CA ARG A 84 -3.24 -27.97 16.30
C ARG A 84 -2.32 -29.01 15.67
N ILE A 85 -1.80 -29.94 16.47
CA ILE A 85 -0.92 -30.97 15.91
C ILE A 85 -1.68 -31.82 14.90
N GLU A 86 -2.97 -32.09 15.17
CA GLU A 86 -3.78 -32.82 14.20
C GLU A 86 -3.88 -32.05 12.89
N GLU A 87 -4.16 -30.76 12.97
CA GLU A 87 -4.20 -29.93 11.77
C GLU A 87 -2.87 -29.92 11.04
N MET A 88 -1.75 -29.86 11.77
CA MET A 88 -0.47 -29.86 11.09
C MET A 88 -0.25 -31.15 10.31
N ASP A 89 -0.60 -32.29 10.91
CA ASP A 89 -0.47 -33.59 10.23
C ASP A 89 -1.28 -33.61 8.94
N ALA A 90 -2.55 -33.22 9.01
CA ALA A 90 -3.37 -33.15 7.80
C ALA A 90 -2.77 -32.20 6.77
N GLN A 91 -2.18 -31.07 7.20
CA GLN A 91 -1.59 -30.15 6.24
C GLN A 91 -0.21 -30.60 5.76
N GLY A 92 0.38 -31.61 6.37
CA GLY A 92 1.74 -31.96 6.02
C GLY A 92 2.80 -31.00 6.53
N VAL A 93 2.55 -30.32 7.64
CA VAL A 93 3.51 -29.40 8.24
C VAL A 93 4.23 -30.13 9.37
N ASP A 94 5.54 -30.32 9.22
CA ASP A 94 6.32 -30.98 10.26
C ASP A 94 6.56 -30.06 11.45
N VAL A 95 7.01 -28.82 11.20
CA VAL A 95 7.30 -27.86 12.27
C VAL A 95 6.62 -26.53 11.97
N GLN A 96 5.97 -25.97 12.98
CA GLN A 96 5.31 -24.68 12.85
C GLN A 96 5.86 -23.73 13.92
N VAL A 97 6.40 -22.60 13.46
CA VAL A 97 6.74 -21.49 14.35
C VAL A 97 5.48 -20.67 14.57
N THR A 98 5.17 -20.39 15.83
CA THR A 98 3.97 -19.64 16.18
C THR A 98 4.34 -18.57 17.20
N CYS A 99 3.52 -17.52 17.27
CA CYS A 99 3.84 -16.40 18.15
C CYS A 99 2.58 -15.58 18.38
N ALA A 100 2.70 -14.61 19.29
CA ALA A 100 1.56 -13.87 19.80
C ALA A 100 0.74 -13.23 18.69
N THR A 101 -0.58 -13.16 18.91
CA THR A 101 -1.40 -12.30 18.08
C THR A 101 -1.25 -10.86 18.55
N PRO A 102 -1.26 -9.89 17.62
CA PRO A 102 -0.99 -8.49 17.98
C PRO A 102 -1.83 -7.92 19.12
N VAL A 103 -3.08 -8.37 19.30
CA VAL A 103 -3.88 -7.90 20.43
C VAL A 103 -3.15 -8.08 21.76
N MET A 104 -2.23 -9.05 21.85
CA MET A 104 -1.47 -9.31 23.07
C MET A 104 -0.28 -8.38 23.28
N PHE A 105 0.05 -7.51 22.30
CA PHE A 105 1.34 -6.80 22.33
C PHE A 105 1.46 -5.89 23.55
N GLY A 106 0.40 -5.16 23.88
CA GLY A 106 0.43 -4.28 25.04
C GLY A 106 1.35 -3.09 24.90
N TYR A 107 1.62 -2.66 23.67
CA TYR A 107 2.61 -1.61 23.44
C TYR A 107 2.20 -0.26 24.02
N THR A 108 0.90 -0.04 24.26
CA THR A 108 0.42 1.22 24.82
C THR A 108 0.33 1.20 26.34
N TRP A 109 0.82 0.16 26.98
CA TRP A 109 0.70 0.05 28.43
C TRP A 109 1.88 0.72 29.13
N GLU A 110 1.68 0.98 30.41
CA GLU A 110 2.80 1.33 31.27
C GLU A 110 3.89 0.27 31.14
N ALA A 111 5.14 0.72 31.08
CA ALA A 111 6.23 -0.16 30.66
C ALA A 111 6.36 -1.38 31.58
N ASN A 112 6.32 -1.17 32.90
CA ASN A 112 6.54 -2.29 33.82
C ASN A 112 5.41 -3.29 33.76
N LYS A 113 4.17 -2.81 33.75
CA LYS A 113 3.03 -3.69 33.53
C LYS A 113 3.18 -4.47 32.23
N ALA A 114 3.64 -3.81 31.16
CA ALA A 114 3.78 -4.49 29.88
C ALA A 114 4.89 -5.53 29.93
N ALA A 115 5.95 -5.26 30.68
CA ALA A 115 7.03 -6.25 30.78
C ALA A 115 6.58 -7.47 31.57
N GLN A 116 5.79 -7.28 32.64
CA GLN A 116 5.24 -8.43 33.35
C GLN A 116 4.32 -9.23 32.45
N TRP A 117 3.48 -8.51 31.68
CA TRP A 117 2.61 -9.14 30.70
C TRP A 117 3.41 -9.96 29.71
N ALA A 118 4.46 -9.35 29.14
CA ALA A 118 5.26 -10.04 28.14
C ALA A 118 5.83 -11.34 28.70
N GLU A 119 6.39 -11.26 29.90
CA GLU A 119 6.93 -12.46 30.54
C GLU A 119 5.85 -13.54 30.68
N ARG A 120 4.67 -13.15 31.20
CA ARG A 120 3.58 -14.12 31.32
C ARG A 120 3.21 -14.71 29.98
N MET A 121 3.06 -13.85 28.96
CA MET A 121 2.71 -14.31 27.62
C MET A 121 3.76 -15.27 27.07
N ASN A 122 5.04 -14.94 27.26
CA ASN A 122 6.10 -15.79 26.74
C ASN A 122 6.18 -17.11 27.49
N ASP A 123 5.76 -17.12 28.76
CA ASP A 123 5.67 -18.39 29.48
C ASP A 123 4.53 -19.25 28.95
N PHE A 124 3.36 -18.64 28.76
CA PHE A 124 2.26 -19.31 28.07
C PHE A 124 2.71 -19.92 26.75
N ALA A 125 3.49 -19.18 25.98
CA ALA A 125 3.91 -19.70 24.68
C ALA A 125 4.76 -20.96 24.85
N LEU A 126 5.67 -20.97 25.82
CA LEU A 126 6.48 -22.17 26.05
C LEU A 126 5.64 -23.33 26.58
N GLU A 127 4.68 -23.02 27.43
CA GLU A 127 3.74 -24.03 27.88
C GLU A 127 3.01 -24.65 26.69
N PHE A 128 2.51 -23.79 25.80
CA PHE A 128 1.89 -24.24 24.55
C PHE A 128 2.83 -25.15 23.77
N ALA A 129 4.08 -24.72 23.54
CA ALA A 129 5.00 -25.51 22.74
C ALA A 129 5.44 -26.78 23.46
N ALA A 130 5.35 -26.80 24.79
CA ALA A 130 5.71 -27.99 25.55
C ALA A 130 4.89 -29.21 25.14
N HIS A 131 3.71 -29.00 24.56
CA HIS A 131 2.92 -30.14 24.09
C HIS A 131 3.70 -30.99 23.08
N ASN A 132 4.56 -30.36 22.27
CA ASN A 132 5.47 -31.06 21.38
C ASN A 132 6.51 -30.06 20.90
N PRO A 133 7.59 -29.85 21.66
CA PRO A 133 8.57 -28.81 21.26
C PRO A 133 9.38 -29.17 20.03
N GLN A 134 9.35 -30.42 19.57
CA GLN A 134 10.05 -30.77 18.33
C GLN A 134 9.32 -30.24 17.09
N ARG A 135 8.02 -29.95 17.21
CA ARG A 135 7.19 -29.53 16.10
C ARG A 135 6.54 -28.17 16.30
N ILE A 136 6.43 -27.69 17.53
CA ILE A 136 5.87 -26.38 17.84
C ILE A 136 7.01 -25.55 18.42
N LYS A 137 7.43 -24.53 17.66
CA LYS A 137 8.40 -23.53 18.09
C LYS A 137 7.66 -22.22 18.37
N VAL A 138 8.21 -21.41 19.27
CA VAL A 138 7.57 -20.16 19.63
C VAL A 138 8.54 -18.99 19.48
N LEU A 139 7.99 -17.82 19.12
CA LEU A 139 8.69 -16.54 19.15
C LEU A 139 8.09 -15.70 20.27
N ALA A 140 8.91 -14.83 20.84
CA ALA A 140 8.48 -14.06 22.01
C ALA A 140 8.01 -12.67 21.63
N GLN A 141 7.21 -12.07 22.53
CA GLN A 141 6.90 -10.67 22.46
C GLN A 141 7.76 -9.93 23.48
N VAL A 142 7.94 -8.63 23.27
CA VAL A 142 8.73 -7.83 24.20
C VAL A 142 7.98 -6.54 24.51
N PRO A 143 8.26 -5.91 25.65
CA PRO A 143 7.65 -4.61 25.94
C PRO A 143 8.35 -3.50 25.17
N LEU A 144 8.08 -3.46 23.86
CA LEU A 144 8.88 -2.67 22.94
C LEU A 144 8.88 -1.16 23.28
N GLN A 145 7.90 -0.67 24.03
CA GLN A 145 7.89 0.74 24.35
C GLN A 145 9.00 1.15 25.33
N ASP A 146 9.77 0.20 25.86
CA ASP A 146 10.90 0.52 26.73
C ASP A 146 12.09 -0.32 26.31
N LEU A 147 13.12 0.33 25.76
CA LEU A 147 14.23 -0.40 25.16
C LEU A 147 14.88 -1.37 26.16
N ASP A 148 15.14 -0.91 27.38
CA ASP A 148 15.83 -1.76 28.36
C ASP A 148 15.00 -3.00 28.68
N LEU A 149 13.73 -2.80 29.06
CA LEU A 149 12.84 -3.91 29.35
C LEU A 149 12.66 -4.79 28.12
N ALA A 150 12.64 -4.19 26.92
CA ALA A 150 12.46 -4.99 25.72
C ALA A 150 13.67 -5.89 25.45
N CYS A 151 14.89 -5.35 25.55
CA CYS A 151 16.08 -6.18 25.35
C CYS A 151 16.21 -7.25 26.42
N LYS A 152 15.90 -6.88 27.67
CA LYS A 152 15.97 -7.82 28.77
C LYS A 152 15.08 -9.03 28.50
N GLU A 153 13.83 -8.77 28.09
CA GLU A 153 12.89 -9.86 27.84
C GLU A 153 13.29 -10.65 26.61
N ALA A 154 13.82 -9.98 25.58
CA ALA A 154 14.26 -10.71 24.39
C ALA A 154 15.25 -11.80 24.77
N SER A 155 16.29 -11.43 25.51
CA SER A 155 17.31 -12.40 25.89
C SER A 155 16.74 -13.46 26.83
N ARG A 156 15.91 -13.05 27.79
CA ARG A 156 15.31 -13.98 28.73
C ARG A 156 14.50 -15.05 28.01
N ALA A 157 13.63 -14.61 27.09
CA ALA A 157 12.74 -15.54 26.41
C ALA A 157 13.52 -16.50 25.52
N VAL A 158 14.57 -16.01 24.88
CA VAL A 158 15.39 -16.87 24.02
C VAL A 158 16.15 -17.89 24.87
N ALA A 159 16.62 -17.49 26.05
CA ALA A 159 17.32 -18.42 26.91
C ALA A 159 16.41 -19.54 27.39
N ALA A 160 15.11 -19.27 27.44
CA ALA A 160 14.09 -20.22 27.87
C ALA A 160 13.57 -21.10 26.74
N GLY A 161 14.01 -20.88 25.50
CA GLY A 161 13.63 -21.76 24.42
C GLY A 161 12.89 -21.10 23.26
N HIS A 162 12.53 -19.82 23.34
CA HIS A 162 12.01 -19.15 22.16
C HIS A 162 13.10 -19.09 21.09
N LEU A 163 12.71 -19.27 19.83
CA LEU A 163 13.66 -19.18 18.74
C LEU A 163 13.84 -17.76 18.20
N GLY A 164 13.06 -16.80 18.69
CA GLY A 164 13.18 -15.45 18.17
C GLY A 164 12.17 -14.55 18.83
N ILE A 165 12.01 -13.36 18.23
CA ILE A 165 11.09 -12.33 18.70
C ILE A 165 10.15 -11.95 17.55
N GLN A 166 8.88 -11.73 17.88
CA GLN A 166 7.94 -11.12 16.95
C GLN A 166 7.53 -9.77 17.53
N ILE A 167 7.72 -8.71 16.73
CA ILE A 167 7.32 -7.37 17.13
C ILE A 167 6.36 -6.80 16.10
N GLY A 168 5.51 -5.89 16.58
CA GLY A 168 4.84 -4.98 15.68
C GLY A 168 5.83 -4.06 14.98
N ASN A 169 5.39 -3.43 13.90
CA ASN A 169 6.32 -2.72 13.02
C ASN A 169 6.53 -1.27 13.43
N HIS A 170 5.72 -0.72 14.33
CA HIS A 170 5.87 0.68 14.69
C HIS A 170 5.26 0.92 16.07
N LEU A 171 5.63 2.06 16.65
CA LEU A 171 5.15 2.50 17.96
C LEU A 171 4.58 3.90 17.73
N GLY A 172 3.29 3.97 17.42
CA GLY A 172 2.72 5.26 17.04
C GLY A 172 3.44 5.81 15.82
N ASP A 173 3.89 7.06 15.93
CA ASP A 173 4.57 7.70 14.80
C ASP A 173 6.04 7.30 14.68
N LYS A 174 6.52 6.37 15.50
CA LYS A 174 7.91 5.90 15.41
C LYS A 174 7.94 4.63 14.58
N ASP A 175 8.64 4.68 13.45
CA ASP A 175 8.81 3.52 12.58
C ASP A 175 10.16 2.86 12.86
N LEU A 176 10.52 1.85 12.07
CA LEU A 176 11.67 1.02 12.43
C LEU A 176 12.97 1.81 12.44
N ASP A 177 13.02 2.95 11.75
CA ASP A 177 14.20 3.81 11.77
C ASP A 177 14.32 4.60 13.07
N ASP A 178 13.27 4.66 13.88
CA ASP A 178 13.37 5.33 15.17
C ASP A 178 14.51 4.73 16.00
N ALA A 179 15.21 5.61 16.74
CA ALA A 179 16.40 5.21 17.49
C ALA A 179 16.13 4.03 18.42
N THR A 180 15.01 4.05 19.14
CA THR A 180 14.72 2.94 20.06
C THR A 180 14.48 1.64 19.31
N LEU A 181 13.86 1.71 18.13
CA LEU A 181 13.62 0.49 17.36
C LEU A 181 14.90 0.00 16.69
N GLU A 182 15.69 0.90 16.11
CA GLU A 182 16.97 0.46 15.56
C GLU A 182 17.83 -0.19 16.65
N ALA A 183 17.84 0.40 17.84
CA ALA A 183 18.62 -0.16 18.92
C ALA A 183 18.12 -1.54 19.32
N PHE A 184 16.80 -1.75 19.26
CA PHE A 184 16.30 -3.09 19.57
C PHE A 184 16.77 -4.11 18.53
N LEU A 185 16.67 -3.75 17.24
CA LEU A 185 17.16 -4.68 16.21
C LEU A 185 18.64 -4.97 16.39
N THR A 186 19.40 -3.97 16.85
CA THR A 186 20.84 -4.14 17.00
C THR A 186 21.16 -5.02 18.21
N HIS A 187 20.41 -4.89 19.30
CA HIS A 187 20.55 -5.85 20.40
C HIS A 187 20.33 -7.26 19.91
N CYS A 188 19.24 -7.49 19.17
CA CYS A 188 18.94 -8.83 18.70
C CYS A 188 20.03 -9.31 17.76
N ALA A 189 20.52 -8.44 16.86
CA ALA A 189 21.58 -8.84 15.95
C ALA A 189 22.82 -9.26 16.72
N ASN A 190 23.17 -8.51 17.77
CA ASN A 190 24.40 -8.79 18.49
C ASN A 190 24.31 -10.07 19.32
N GLU A 191 23.11 -10.60 19.56
CA GLU A 191 22.91 -11.85 20.29
C GLU A 191 22.32 -12.95 19.42
N ASP A 192 22.38 -12.79 18.09
CA ASP A 192 21.85 -13.79 17.14
C ASP A 192 20.43 -14.17 17.46
N ILE A 193 19.59 -13.18 17.77
CA ILE A 193 18.17 -13.39 18.05
C ILE A 193 17.38 -13.01 16.80
N PRO A 194 16.75 -13.97 16.12
CA PRO A 194 16.00 -13.63 14.90
C PRO A 194 14.73 -12.85 15.20
N ILE A 195 14.32 -12.03 14.23
CA ILE A 195 13.17 -11.15 14.39
C ILE A 195 12.19 -11.39 13.26
N LEU A 196 10.91 -11.53 13.61
CA LEU A 196 9.80 -11.46 12.67
C LEU A 196 9.02 -10.18 12.94
N VAL A 197 8.82 -9.37 11.89
CA VAL A 197 8.13 -8.09 12.02
C VAL A 197 6.71 -8.25 11.48
N HIS A 198 5.73 -7.93 12.30
CA HIS A 198 4.34 -8.04 11.90
C HIS A 198 3.68 -6.68 11.86
N PRO A 199 2.88 -6.37 10.84
CA PRO A 199 2.17 -5.09 10.85
C PRO A 199 1.07 -5.10 11.90
N TRP A 200 0.80 -3.92 12.45
CA TRP A 200 -0.20 -3.77 13.51
C TRP A 200 -0.47 -2.28 13.70
N ASP A 201 -1.59 -1.96 14.33
CA ASP A 201 -1.99 -0.57 14.56
C ASP A 201 -1.98 0.24 13.25
N MET A 202 -2.82 -0.20 12.33
CA MET A 202 -2.70 0.18 10.92
C MET A 202 -2.98 1.66 10.69
N MET A 203 -2.22 2.24 9.78
CA MET A 203 -2.47 3.61 9.35
C MET A 203 -3.83 3.71 8.67
N GLY A 204 -4.32 4.94 8.54
CA GLY A 204 -5.56 5.21 7.84
C GLY A 204 -6.66 5.76 8.71
N GLY A 205 -6.46 5.79 10.02
CA GLY A 205 -7.41 6.39 10.93
C GLY A 205 -8.83 5.91 10.74
N GLN A 206 -9.71 6.85 10.41
CA GLN A 206 -11.14 6.61 10.38
C GLN A 206 -11.63 6.13 9.03
N ARG A 207 -10.74 5.80 8.11
CA ARG A 207 -11.17 5.58 6.73
C ARG A 207 -11.56 4.13 6.44
N MET A 208 -10.70 3.17 6.76
CA MET A 208 -10.87 1.83 6.23
C MET A 208 -11.71 1.00 7.20
N LYS A 209 -13.01 1.27 7.21
CA LYS A 209 -13.86 0.73 8.28
C LYS A 209 -14.70 -0.48 7.88
N LYS A 210 -14.69 -0.88 6.61
CA LYS A 210 -15.50 -2.00 6.16
C LYS A 210 -14.66 -2.99 5.34
N TRP A 211 -15.21 -4.20 5.19
CA TRP A 211 -14.69 -5.23 4.30
C TRP A 211 -13.24 -5.61 4.60
N MET A 212 -12.82 -5.42 5.86
CA MET A 212 -11.45 -5.73 6.29
C MET A 212 -10.41 -4.99 5.44
N LEU A 213 -10.75 -3.81 4.95
CA LEU A 213 -9.78 -2.98 4.24
C LEU A 213 -8.47 -2.79 5.00
N PRO A 214 -8.44 -2.57 6.33
CA PRO A 214 -7.15 -2.52 7.03
C PRO A 214 -6.22 -3.67 6.70
N TRP A 215 -6.74 -4.90 6.65
CA TRP A 215 -5.93 -6.07 6.33
C TRP A 215 -5.54 -6.09 4.86
N LEU A 216 -6.35 -5.48 4.00
CA LEU A 216 -6.09 -5.54 2.57
C LEU A 216 -5.23 -4.38 2.05
N VAL A 217 -5.36 -3.19 2.65
CA VAL A 217 -4.66 -1.99 2.18
C VAL A 217 -3.57 -1.56 3.18
N ALA A 218 -3.97 -1.25 4.42
CA ALA A 218 -3.04 -0.66 5.37
C ALA A 218 -1.93 -1.62 5.77
N MET A 219 -2.24 -2.91 5.98
CA MET A 219 -1.23 -3.86 6.43
C MET A 219 -0.07 -4.04 5.46
N PRO A 220 -0.28 -4.26 4.15
CA PRO A 220 0.87 -4.34 3.25
C PRO A 220 1.64 -3.02 3.15
N ALA A 221 0.96 -1.89 3.33
CA ALA A 221 1.64 -0.59 3.34
C ALA A 221 2.46 -0.42 4.62
N GLU A 222 1.89 -0.83 5.77
CA GLU A 222 2.65 -0.83 7.02
C GLU A 222 3.96 -1.59 6.89
N THR A 223 3.90 -2.81 6.35
CA THR A 223 5.12 -3.60 6.18
C THR A 223 6.08 -2.93 5.19
N GLN A 224 5.56 -2.44 4.06
CA GLN A 224 6.43 -1.74 3.12
C GLN A 224 7.10 -0.54 3.79
N LEU A 225 6.34 0.24 4.56
CA LEU A 225 6.90 1.37 5.29
C LEU A 225 8.02 0.93 6.22
N ALA A 226 7.83 -0.19 6.93
CA ALA A 226 8.86 -0.68 7.84
C ALA A 226 10.15 -0.99 7.11
N ILE A 227 10.06 -1.66 5.96
CA ILE A 227 11.26 -2.02 5.20
C ILE A 227 11.94 -0.76 4.67
N LEU A 228 11.16 0.13 4.05
CA LEU A 228 11.71 1.36 3.49
C LEU A 228 12.29 2.26 4.58
N SER A 229 11.67 2.28 5.75
CA SER A 229 12.22 3.03 6.88
C SER A 229 13.62 2.56 7.23
N LEU A 230 13.83 1.24 7.29
CA LEU A 230 15.16 0.72 7.54
C LEU A 230 16.11 1.06 6.40
N ILE A 231 15.66 0.92 5.16
CA ILE A 231 16.52 1.17 4.01
C ILE A 231 16.86 2.64 3.88
N LEU A 232 15.84 3.48 3.65
CA LEU A 232 16.10 4.87 3.27
C LEU A 232 16.66 5.71 4.42
N SER A 233 16.50 5.29 5.67
CA SER A 233 17.12 6.01 6.77
C SER A 233 18.59 5.71 6.91
N GLY A 234 19.12 4.75 6.14
CA GLY A 234 20.45 4.24 6.38
C GLY A 234 20.56 3.28 7.54
N ALA A 235 19.43 2.88 8.16
CA ALA A 235 19.50 1.98 9.31
C ALA A 235 20.30 0.73 8.98
N PHE A 236 20.10 0.16 7.79
CA PHE A 236 20.85 -1.05 7.45
C PHE A 236 22.34 -0.77 7.39
N GLU A 237 22.74 0.48 7.11
CA GLU A 237 24.16 0.80 7.16
C GLU A 237 24.69 0.74 8.59
N ARG A 238 23.84 1.02 9.57
CA ARG A 238 24.28 1.02 10.97
C ARG A 238 24.10 -0.33 11.66
N ILE A 239 23.14 -1.15 11.24
CA ILE A 239 22.81 -2.38 11.97
C ILE A 239 23.71 -3.50 11.49
N PRO A 240 24.35 -4.23 12.39
CA PRO A 240 25.27 -5.30 11.98
C PRO A 240 24.63 -6.24 10.98
N LYS A 241 25.45 -6.75 10.05
CA LYS A 241 24.94 -7.68 9.03
C LYS A 241 24.40 -8.96 9.64
N SER A 242 24.77 -9.26 10.89
CA SER A 242 24.32 -10.48 11.53
C SER A 242 22.82 -10.48 11.83
N LEU A 243 22.14 -9.35 11.71
CA LEU A 243 20.70 -9.33 11.99
C LEU A 243 19.98 -10.27 11.04
N LYS A 244 19.14 -11.13 11.60
CA LYS A 244 18.20 -11.96 10.87
C LYS A 244 16.83 -11.38 11.14
N ILE A 245 16.26 -10.69 10.15
CA ILE A 245 14.96 -10.05 10.31
C ILE A 245 14.09 -10.44 9.13
N CYS A 246 12.82 -10.77 9.40
CA CYS A 246 11.94 -11.21 8.33
C CYS A 246 10.62 -10.47 8.45
N PHE A 247 10.06 -10.06 7.31
CA PHE A 247 8.81 -9.32 7.30
C PHE A 247 7.67 -10.20 6.79
N GLY A 248 6.51 -10.09 7.43
CA GLY A 248 5.38 -10.93 7.08
C GLY A 248 4.70 -10.55 5.77
N HIS A 249 3.84 -11.47 5.32
CA HIS A 249 2.98 -11.31 4.14
C HIS A 249 3.78 -10.86 2.92
N GLY A 250 4.89 -11.55 2.68
CA GLY A 250 5.71 -11.27 1.52
C GLY A 250 6.39 -9.90 1.56
N GLY A 251 6.30 -9.22 2.69
CA GLY A 251 6.82 -7.88 2.75
C GLY A 251 5.84 -6.85 2.24
N GLY A 252 4.55 -7.14 2.32
CA GLY A 252 3.55 -6.24 1.81
C GLY A 252 3.77 -6.00 0.33
N SER A 253 3.69 -4.72 -0.07
CA SER A 253 3.86 -4.36 -1.46
C SER A 253 5.30 -4.01 -1.80
N PHE A 254 6.24 -4.26 -0.89
CA PHE A 254 7.62 -3.80 -1.08
C PHE A 254 8.17 -4.20 -2.45
N ALA A 255 8.01 -5.47 -2.83
CA ALA A 255 8.70 -5.98 -4.01
C ALA A 255 8.14 -5.35 -5.28
N PHE A 256 6.83 -5.15 -5.33
CA PHE A 256 6.20 -4.59 -6.51
C PHE A 256 6.54 -3.11 -6.68
N LEU A 257 6.60 -2.38 -5.57
CA LEU A 257 6.88 -0.95 -5.56
C LEU A 257 8.37 -0.64 -5.53
N LEU A 258 9.24 -1.66 -5.54
CA LEU A 258 10.68 -1.41 -5.47
C LEU A 258 11.17 -0.58 -6.66
N GLY A 259 10.64 -0.83 -7.86
CA GLY A 259 11.12 -0.08 -9.02
C GLY A 259 10.90 1.42 -8.88
N ARG A 260 9.72 1.81 -8.41
CA ARG A 260 9.45 3.22 -8.10
C ARG A 260 10.40 3.74 -7.03
N VAL A 261 10.74 2.92 -6.03
CA VAL A 261 11.67 3.36 -4.99
C VAL A 261 13.05 3.60 -5.60
N ASP A 262 13.53 2.63 -6.38
CA ASP A 262 14.85 2.75 -6.99
C ASP A 262 14.91 3.95 -7.92
N ASN A 263 13.80 4.25 -8.60
CA ASN A 263 13.80 5.38 -9.53
C ASN A 263 13.91 6.69 -8.77
N ALA A 264 13.11 6.85 -7.71
CA ALA A 264 13.19 8.06 -6.89
C ALA A 264 14.60 8.25 -6.33
N TRP A 265 15.23 7.15 -5.90
CA TRP A 265 16.59 7.22 -5.38
C TRP A 265 17.58 7.68 -6.44
N ARG A 266 17.44 7.19 -7.67
CA ARG A 266 18.40 7.59 -8.71
C ARG A 266 18.28 9.06 -9.08
N HIS A 267 17.09 9.66 -8.94
CA HIS A 267 16.82 10.97 -9.51
C HIS A 267 16.46 12.04 -8.49
N ARG A 268 16.48 11.74 -7.20
CA ARG A 268 16.14 12.73 -6.18
C ARG A 268 17.15 12.64 -5.05
N ASP A 269 18.00 13.66 -4.91
CA ASP A 269 19.03 13.60 -3.87
C ASP A 269 18.43 13.51 -2.46
N ILE A 270 17.17 13.92 -2.25
CA ILE A 270 16.62 13.81 -0.90
C ILE A 270 16.30 12.38 -0.53
N VAL A 271 16.16 11.48 -1.52
CA VAL A 271 16.00 10.05 -1.26
C VAL A 271 17.35 9.38 -1.00
N ARG A 272 18.45 10.01 -1.37
CA ARG A 272 19.78 9.46 -1.13
C ARG A 272 20.46 10.07 0.09
N GLU A 273 19.77 10.97 0.82
CA GLU A 273 20.42 11.72 1.89
C GLU A 273 21.01 10.80 2.96
N ASP A 274 20.32 9.72 3.29
CA ASP A 274 20.82 8.80 4.32
C ASP A 274 21.10 7.41 3.79
N CYS A 275 20.87 7.15 2.52
CA CYS A 275 20.96 5.80 1.98
C CYS A 275 21.92 5.79 0.80
N PRO A 276 23.13 5.25 0.96
CA PRO A 276 24.17 5.43 -0.06
C PRO A 276 24.20 4.41 -1.18
N ARG A 277 23.36 3.38 -1.14
CA ARG A 277 23.27 2.43 -2.23
C ARG A 277 21.83 2.39 -2.73
N PRO A 278 21.61 1.94 -3.96
CA PRO A 278 20.24 1.74 -4.44
C PRO A 278 19.45 0.88 -3.48
N PRO A 279 18.24 1.30 -3.12
CA PRO A 279 17.46 0.54 -2.12
C PRO A 279 17.35 -0.94 -2.43
N SER A 280 17.25 -1.30 -3.71
CA SER A 280 17.03 -2.69 -4.08
C SER A 280 18.23 -3.57 -3.74
N GLU A 281 19.40 -2.98 -3.49
CA GLU A 281 20.55 -3.79 -3.08
C GLU A 281 20.43 -4.28 -1.64
N TYR A 282 19.58 -3.67 -0.83
CA TYR A 282 19.48 -4.05 0.57
C TYR A 282 18.60 -5.27 0.78
N VAL A 283 18.17 -5.95 -0.29
CA VAL A 283 17.40 -7.17 -0.11
C VAL A 283 18.25 -8.25 0.51
N ASP A 284 19.58 -8.12 0.46
CA ASP A 284 20.47 -9.05 1.13
C ASP A 284 20.56 -8.80 2.63
N ARG A 285 19.66 -7.99 3.20
CA ARG A 285 19.68 -7.71 4.62
C ARG A 285 18.43 -8.19 5.36
N PHE A 286 17.41 -8.66 4.65
CA PHE A 286 16.21 -9.14 5.33
C PHE A 286 15.61 -10.28 4.53
N PHE A 287 14.54 -10.85 5.10
CA PHE A 287 13.79 -11.96 4.54
C PHE A 287 12.33 -11.56 4.52
N VAL A 288 11.53 -12.30 3.74
CA VAL A 288 10.09 -12.19 3.82
C VAL A 288 9.51 -13.61 3.85
N ASP A 289 8.25 -13.72 4.28
CA ASP A 289 7.56 -14.99 4.05
C ASP A 289 6.97 -15.01 2.65
N SER A 290 6.30 -16.11 2.31
CA SER A 290 5.82 -16.37 0.96
C SER A 290 4.34 -16.12 0.77
N ALA A 291 3.66 -15.58 1.79
CA ALA A 291 2.20 -15.49 1.75
C ALA A 291 1.79 -14.27 0.91
N VAL A 292 1.82 -14.46 -0.41
CA VAL A 292 1.34 -13.47 -1.37
C VAL A 292 0.09 -13.92 -2.13
N PHE A 293 -0.28 -15.20 -2.04
CA PHE A 293 -1.58 -15.69 -2.51
C PHE A 293 -1.77 -15.55 -4.02
N ASN A 294 -0.70 -15.63 -4.80
CA ASN A 294 -0.81 -15.50 -6.25
C ASN A 294 0.46 -15.97 -6.95
N PRO A 295 0.35 -16.76 -8.02
CA PRO A 295 1.58 -17.29 -8.64
C PRO A 295 2.46 -16.22 -9.25
N GLY A 296 1.89 -15.28 -10.01
CA GLY A 296 2.69 -14.21 -10.57
C GLY A 296 3.35 -13.36 -9.50
N ALA A 297 2.61 -13.10 -8.42
CA ALA A 297 3.17 -12.32 -7.31
C ALA A 297 4.37 -13.02 -6.68
N LEU A 298 4.25 -14.34 -6.46
CA LEU A 298 5.34 -15.08 -5.86
C LEU A 298 6.58 -15.06 -6.74
N GLU A 299 6.39 -15.19 -8.07
CA GLU A 299 7.55 -15.18 -8.96
C GLU A 299 8.27 -13.85 -8.92
N LEU A 300 7.52 -12.74 -8.98
CA LEU A 300 8.13 -11.43 -8.83
C LEU A 300 8.85 -11.33 -7.50
N LEU A 301 8.19 -11.77 -6.41
CA LEU A 301 8.78 -11.70 -5.08
C LEU A 301 10.11 -12.44 -5.02
N VAL A 302 10.14 -13.68 -5.50
CA VAL A 302 11.40 -14.45 -5.52
C VAL A 302 12.42 -13.77 -6.42
N SER A 303 11.98 -13.16 -7.51
CA SER A 303 12.90 -12.47 -8.40
C SER A 303 13.56 -11.27 -7.73
N VAL A 304 12.86 -10.64 -6.78
CA VAL A 304 13.40 -9.46 -6.10
C VAL A 304 14.28 -9.86 -4.92
N MET A 305 13.83 -10.84 -4.15
CA MET A 305 14.51 -11.24 -2.93
C MET A 305 15.54 -12.33 -3.14
N GLY A 306 15.36 -13.16 -4.15
CA GLY A 306 16.24 -14.32 -4.28
C GLY A 306 15.69 -15.51 -3.51
N GLU A 307 15.95 -16.71 -4.03
CA GLU A 307 15.35 -17.92 -3.49
C GLU A 307 15.78 -18.21 -2.06
N ASP A 308 16.90 -17.64 -1.62
CA ASP A 308 17.41 -17.84 -0.26
C ASP A 308 16.74 -16.95 0.78
N ARG A 309 15.82 -16.07 0.40
CA ARG A 309 15.29 -15.08 1.34
C ARG A 309 13.76 -15.08 1.42
N VAL A 310 13.11 -16.10 0.88
CA VAL A 310 11.67 -16.28 1.02
C VAL A 310 11.45 -17.58 1.80
N MET A 311 10.62 -17.50 2.84
CA MET A 311 10.34 -18.64 3.70
C MET A 311 8.85 -18.93 3.71
N LEU A 312 8.49 -20.21 3.65
CA LEU A 312 7.08 -20.58 3.71
C LEU A 312 6.46 -20.14 5.01
N GLY A 313 5.42 -19.32 4.91
CA GLY A 313 4.60 -18.99 6.06
C GLY A 313 3.16 -18.88 5.62
N SER A 314 2.26 -19.10 6.58
CA SER A 314 0.86 -19.37 6.27
C SER A 314 -0.13 -18.44 6.92
N ASP A 315 0.25 -17.68 7.96
CA ASP A 315 -0.70 -16.90 8.76
C ASP A 315 -1.72 -17.78 9.47
N TYR A 316 -1.41 -19.07 9.65
CA TYR A 316 -2.30 -19.99 10.31
C TYR A 316 -2.58 -19.53 11.74
N PRO A 317 -3.81 -19.70 12.24
CA PRO A 317 -4.95 -20.34 11.59
C PRO A 317 -6.02 -19.37 11.09
N PHE A 318 -5.61 -18.17 10.70
CA PHE A 318 -6.60 -17.14 10.42
C PHE A 318 -7.19 -17.31 9.04
N PRO A 319 -8.48 -16.95 8.87
CA PRO A 319 -9.12 -17.05 7.56
C PRO A 319 -8.35 -16.36 6.43
N LEU A 320 -7.68 -15.24 6.69
CA LEU A 320 -6.92 -14.60 5.63
C LEU A 320 -5.57 -15.28 5.37
N GLY A 321 -5.34 -16.43 6.01
CA GLY A 321 -4.14 -17.20 5.79
C GLY A 321 -4.28 -18.13 4.60
N GLU A 322 -3.19 -18.84 4.31
CA GLU A 322 -3.21 -19.85 3.25
C GLU A 322 -3.84 -21.11 3.79
N GLN A 323 -4.87 -21.58 3.10
CA GLN A 323 -5.66 -22.71 3.61
C GLN A 323 -4.95 -24.04 3.42
N LYS A 324 -4.38 -24.26 2.25
CA LYS A 324 -3.57 -25.44 1.99
C LYS A 324 -2.11 -25.01 2.07
N ILE A 325 -1.53 -25.22 3.26
CA ILE A 325 -0.25 -24.60 3.61
C ILE A 325 0.84 -25.09 2.66
N GLY A 326 1.52 -24.14 2.00
CA GLY A 326 2.51 -24.47 1.01
C GLY A 326 1.95 -24.77 -0.36
N GLY A 327 0.62 -24.70 -0.51
CA GLY A 327 0.02 -24.95 -1.81
C GLY A 327 0.63 -24.11 -2.92
N LEU A 328 0.70 -22.79 -2.70
CA LEU A 328 1.18 -21.89 -3.75
C LEU A 328 2.64 -22.14 -4.10
N VAL A 329 3.47 -22.46 -3.11
CA VAL A 329 4.89 -22.66 -3.40
C VAL A 329 5.12 -24.00 -4.10
N LEU A 330 4.42 -25.05 -3.64
CA LEU A 330 4.64 -26.38 -4.21
C LEU A 330 4.08 -26.50 -5.62
N SER A 331 2.99 -25.77 -5.91
CA SER A 331 2.40 -25.80 -7.24
C SER A 331 3.00 -24.77 -8.18
N SER A 332 4.03 -24.04 -7.74
CA SER A 332 4.64 -23.00 -8.56
C SER A 332 5.55 -23.62 -9.60
N ASN A 333 6.10 -22.78 -10.48
CA ASN A 333 7.05 -23.22 -11.50
C ASN A 333 8.50 -22.93 -11.12
N LEU A 334 8.78 -22.72 -9.85
CA LEU A 334 10.16 -22.53 -9.43
C LEU A 334 10.90 -23.87 -9.41
N GLY A 335 12.22 -23.79 -9.52
CA GLY A 335 13.03 -24.99 -9.43
C GLY A 335 12.79 -25.75 -8.15
N GLU A 336 13.19 -27.03 -8.15
CA GLU A 336 12.95 -27.81 -6.94
C GLU A 336 13.89 -27.38 -5.83
N SER A 337 15.13 -27.00 -6.17
CA SER A 337 16.03 -26.42 -5.18
C SER A 337 15.41 -25.18 -4.55
N ALA A 338 14.80 -24.32 -5.37
CA ALA A 338 14.12 -23.13 -4.85
C ALA A 338 12.97 -23.51 -3.91
N LYS A 339 12.07 -24.39 -4.39
CA LYS A 339 10.94 -24.83 -3.57
C LYS A 339 11.41 -25.37 -2.22
N ASP A 340 12.50 -26.12 -2.23
CA ASP A 340 12.96 -26.76 -0.99
C ASP A 340 13.50 -25.73 -0.01
N LYS A 341 14.23 -24.74 -0.53
CA LYS A 341 14.68 -23.63 0.31
C LYS A 341 13.51 -22.92 0.95
N ILE A 342 12.47 -22.64 0.17
CA ILE A 342 11.34 -21.87 0.68
C ILE A 342 10.58 -22.68 1.73
N ILE A 343 10.28 -23.94 1.43
CA ILE A 343 9.44 -24.68 2.37
C ILE A 343 10.22 -25.15 3.59
N SER A 344 11.56 -25.18 3.55
CA SER A 344 12.27 -25.73 4.69
C SER A 344 13.70 -25.22 4.85
N GLY A 345 14.48 -25.22 3.77
CA GLY A 345 15.89 -24.89 3.90
C GLY A 345 16.14 -23.52 4.53
N ASN A 346 15.42 -22.48 4.04
CA ASN A 346 15.67 -21.14 4.56
C ASN A 346 15.27 -21.02 6.03
N ALA A 347 14.08 -21.49 6.38
CA ALA A 347 13.62 -21.29 7.75
C ALA A 347 14.43 -22.09 8.75
N SER A 348 14.92 -23.27 8.38
CA SER A 348 15.72 -24.02 9.35
C SER A 348 17.04 -23.29 9.62
N LYS A 349 17.62 -22.68 8.59
CA LYS A 349 18.81 -21.86 8.78
C LYS A 349 18.46 -20.60 9.58
N PHE A 350 17.38 -19.92 9.21
CA PHE A 350 17.01 -18.65 9.84
C PHE A 350 16.77 -18.83 11.33
N PHE A 351 15.96 -19.83 11.71
CA PHE A 351 15.56 -20.01 13.09
C PHE A 351 16.42 -21.03 13.83
N ASN A 352 17.34 -21.71 13.14
CA ASN A 352 18.17 -22.77 13.73
C ASN A 352 17.31 -23.96 14.17
N ILE A 353 16.64 -24.57 13.20
CA ILE A 353 15.76 -25.71 13.39
C ILE A 353 16.33 -26.90 12.62
N ASN A 354 16.22 -28.08 13.21
CA ASN A 354 16.73 -29.31 12.59
C ASN A 354 15.62 -30.25 12.13
N LYS B 24 1.49 6.91 -35.30
CA LYS B 24 1.61 6.41 -33.93
C LYS B 24 1.80 7.57 -32.94
N PRO B 25 0.76 8.40 -32.78
CA PRO B 25 0.86 9.53 -31.84
C PRO B 25 1.10 9.03 -30.41
N ARG B 26 2.32 9.20 -29.91
CA ARG B 26 2.62 8.92 -28.51
C ARG B 26 1.80 9.85 -27.61
N ILE B 27 0.92 9.26 -26.80
CA ILE B 27 0.05 10.02 -25.91
C ILE B 27 0.47 9.80 -24.47
N ASP B 28 0.65 10.89 -23.73
CA ASP B 28 0.86 10.87 -22.29
C ASP B 28 -0.43 11.38 -21.67
N MET B 29 -1.24 10.49 -21.09
CA MET B 29 -2.55 10.90 -20.62
C MET B 29 -2.60 11.20 -19.13
N HIS B 30 -1.44 11.35 -18.48
CA HIS B 30 -1.43 11.65 -17.05
C HIS B 30 -0.42 12.76 -16.76
N SER B 31 -0.92 13.98 -16.57
CA SER B 31 -0.06 15.12 -16.33
C SER B 31 -0.88 16.22 -15.69
N HIS B 32 -0.20 17.21 -15.11
CA HIS B 32 -0.90 18.27 -14.40
C HIS B 32 -0.35 19.63 -14.81
N PHE B 33 -1.09 20.67 -14.41
CA PHE B 33 -0.72 22.05 -14.71
C PHE B 33 -1.29 22.94 -13.60
N PHE B 34 -0.83 24.18 -13.59
CA PHE B 34 -1.37 25.20 -12.71
C PHE B 34 -1.37 26.49 -13.54
N PRO B 35 -2.47 27.23 -13.56
CA PRO B 35 -2.58 28.39 -14.47
C PRO B 35 -2.00 29.68 -13.89
N ARG B 36 -1.85 30.67 -14.79
CA ARG B 36 -1.44 32.03 -14.44
C ARG B 36 -2.59 32.72 -13.70
N ILE B 37 -2.75 32.33 -12.45
CA ILE B 37 -3.75 32.92 -11.56
C ILE B 37 -3.09 34.07 -10.82
N SER B 38 -3.62 35.27 -11.00
CA SER B 38 -3.08 36.39 -10.25
C SER B 38 -3.65 36.40 -8.83
N GLU B 39 -2.97 37.15 -7.95
CA GLU B 39 -3.45 37.34 -6.59
C GLU B 39 -4.86 37.93 -6.57
N GLN B 40 -5.13 38.92 -7.43
CA GLN B 40 -6.45 39.54 -7.48
C GLN B 40 -7.50 38.54 -7.92
N GLU B 41 -7.19 37.75 -8.95
CA GLU B 41 -8.13 36.75 -9.41
C GLU B 41 -8.49 35.77 -8.29
N ALA B 42 -7.48 35.34 -7.52
CA ALA B 42 -7.75 34.41 -6.43
C ALA B 42 -8.48 35.10 -5.28
N ALA B 43 -8.27 36.39 -5.10
CA ALA B 43 -8.98 37.10 -4.05
C ALA B 43 -10.46 37.29 -4.38
N LYS B 44 -10.85 37.10 -5.64
CA LYS B 44 -12.26 37.05 -6.01
C LYS B 44 -12.99 35.87 -5.38
N PHE B 45 -12.26 34.84 -4.98
CA PHE B 45 -12.89 33.67 -4.40
C PHE B 45 -12.56 33.53 -2.92
N ASP B 46 -11.28 33.62 -2.56
CA ASP B 46 -10.89 33.46 -1.16
C ASP B 46 -9.48 34.03 -1.02
N ALA B 47 -9.39 35.23 -0.45
CA ALA B 47 -8.08 35.86 -0.28
C ALA B 47 -7.13 34.98 0.52
N ASN B 48 -7.67 34.11 1.38
CA ASN B 48 -6.83 33.33 2.28
C ASN B 48 -6.48 31.96 1.73
N HIS B 49 -7.41 31.32 1.02
CA HIS B 49 -7.25 29.92 0.68
C HIS B 49 -7.25 29.65 -0.81
N ALA B 50 -7.62 30.61 -1.66
CA ALA B 50 -7.51 30.33 -3.09
C ALA B 50 -6.06 30.42 -3.50
N PRO B 51 -5.51 29.41 -4.16
CA PRO B 51 -4.11 29.48 -4.58
C PRO B 51 -3.92 30.37 -5.79
N TRP B 52 -2.77 31.05 -5.84
CA TRP B 52 -2.39 31.80 -7.03
C TRP B 52 -0.91 31.61 -7.30
N LEU B 53 -0.48 32.07 -8.46
CA LEU B 53 0.87 31.84 -8.99
C LEU B 53 1.66 33.14 -9.05
N GLN B 54 2.76 33.18 -8.31
CA GLN B 54 3.71 34.29 -8.30
C GLN B 54 4.94 33.87 -9.10
N VAL B 55 4.98 34.23 -10.37
CA VAL B 55 6.13 33.93 -11.23
C VAL B 55 7.26 34.88 -10.88
N SER B 56 8.47 34.33 -10.75
CA SER B 56 9.62 35.16 -10.44
C SER B 56 9.94 36.11 -11.61
N ALA B 57 10.71 37.16 -11.31
CA ALA B 57 11.01 38.15 -12.34
C ALA B 57 11.81 37.56 -13.50
N LYS B 58 12.60 36.51 -13.22
CA LYS B 58 13.40 35.86 -14.27
C LYS B 58 12.55 34.94 -15.13
N GLY B 59 11.42 34.47 -14.61
CA GLY B 59 10.46 33.74 -15.40
C GLY B 59 10.68 32.26 -15.52
N ASP B 60 11.71 31.70 -14.88
CA ASP B 60 11.95 30.27 -14.98
C ASP B 60 11.39 29.49 -13.81
N THR B 61 11.11 30.16 -12.69
CA THR B 61 10.53 29.50 -11.52
C THR B 61 9.42 30.39 -10.98
N GLY B 62 8.63 29.84 -10.07
CA GLY B 62 7.56 30.59 -9.45
C GLY B 62 7.14 29.94 -8.14
N SER B 63 6.16 30.57 -7.49
CA SER B 63 5.61 30.02 -6.26
C SER B 63 4.11 29.98 -6.37
N ILE B 64 3.53 28.84 -6.01
CA ILE B 64 2.11 28.85 -5.67
C ILE B 64 1.96 29.55 -4.33
N MET B 65 0.98 30.45 -4.25
CA MET B 65 0.76 31.27 -3.09
C MET B 65 -0.65 31.03 -2.54
N MET B 66 -0.83 31.27 -1.25
CA MET B 66 -2.16 31.36 -0.66
C MET B 66 -2.20 32.64 0.17
N GLY B 67 -2.98 33.61 -0.29
CA GLY B 67 -2.89 34.95 0.26
C GLY B 67 -1.52 35.52 -0.01
N LYS B 68 -0.92 36.07 1.04
CA LYS B 68 0.43 36.60 1.03
C LYS B 68 1.50 35.56 1.32
N ASN B 69 1.11 34.32 1.66
CA ASN B 69 2.07 33.32 2.08
C ASN B 69 2.54 32.46 0.92
N ASN B 70 3.83 32.14 0.91
CA ASN B 70 4.38 31.19 -0.05
C ASN B 70 3.90 29.78 0.29
N PHE B 71 3.36 29.08 -0.71
CA PHE B 71 2.85 27.73 -0.49
C PHE B 71 3.77 26.64 -1.05
N ARG B 72 4.17 26.75 -2.32
CA ARG B 72 5.03 25.74 -2.91
C ARG B 72 5.83 26.29 -4.08
N PRO B 73 7.13 26.00 -4.16
CA PRO B 73 7.89 26.43 -5.34
C PRO B 73 7.63 25.52 -6.53
N VAL B 74 7.51 26.14 -7.71
CA VAL B 74 7.13 25.45 -8.93
C VAL B 74 8.05 25.87 -10.07
N TYR B 75 8.04 25.06 -11.11
CA TYR B 75 8.93 25.16 -12.25
C TYR B 75 8.12 25.57 -13.47
N GLN B 76 8.80 26.21 -14.44
CA GLN B 76 8.10 26.84 -15.57
C GLN B 76 7.20 25.87 -16.33
N ALA B 77 7.61 24.61 -16.47
CA ALA B 77 6.82 23.64 -17.23
C ALA B 77 5.42 23.44 -16.65
N LEU B 78 5.21 23.80 -15.39
CA LEU B 78 3.90 23.64 -14.77
C LEU B 78 2.87 24.61 -15.33
N TRP B 79 3.27 25.83 -15.69
CA TRP B 79 2.30 26.86 -16.05
C TRP B 79 2.40 27.37 -17.49
N ASP B 80 3.50 27.07 -18.18
CA ASP B 80 3.79 27.69 -19.46
C ASP B 80 3.60 26.67 -20.58
N PRO B 81 2.52 26.74 -21.37
CA PRO B 81 2.27 25.68 -22.37
C PRO B 81 3.27 25.68 -23.50
N ALA B 82 3.82 26.83 -23.85
CA ALA B 82 4.80 26.87 -24.91
C ALA B 82 6.10 26.20 -24.47
N PHE B 83 6.55 26.47 -23.25
CA PHE B 83 7.72 25.75 -22.78
C PHE B 83 7.41 24.26 -22.64
N ARG B 84 6.20 23.92 -22.22
CA ARG B 84 5.84 22.50 -22.11
C ARG B 84 5.98 21.81 -23.46
N ILE B 85 5.54 22.46 -24.55
CA ILE B 85 5.71 21.89 -25.88
C ILE B 85 7.19 21.58 -26.16
N GLU B 86 8.08 22.49 -25.77
CA GLU B 86 9.51 22.22 -25.94
C GLU B 86 9.89 20.88 -25.33
N GLU B 87 9.43 20.64 -24.10
CA GLU B 87 9.79 19.41 -23.37
C GLU B 87 9.09 18.20 -23.97
N MET B 88 7.86 18.38 -24.45
CA MET B 88 7.17 17.29 -25.13
C MET B 88 7.92 16.87 -26.39
N ASP B 89 8.43 17.84 -27.14
CA ASP B 89 9.23 17.56 -28.33
C ASP B 89 10.49 16.78 -27.98
N ALA B 90 11.27 17.30 -27.03
CA ALA B 90 12.47 16.61 -26.58
C ALA B 90 12.16 15.17 -26.17
N GLN B 91 10.98 14.95 -25.58
CA GLN B 91 10.60 13.64 -25.08
C GLN B 91 9.89 12.77 -26.12
N GLY B 92 9.47 13.35 -27.25
CA GLY B 92 8.76 12.57 -28.25
C GLY B 92 7.30 12.32 -27.94
N VAL B 93 6.71 13.10 -27.04
CA VAL B 93 5.28 13.01 -26.75
C VAL B 93 4.54 13.89 -27.76
N ASP B 94 3.65 13.26 -28.53
CA ASP B 94 2.91 14.01 -29.54
C ASP B 94 1.69 14.69 -28.95
N VAL B 95 0.93 14.00 -28.10
CA VAL B 95 -0.26 14.53 -27.45
C VAL B 95 -0.15 14.32 -25.96
N GLN B 96 -0.54 15.32 -25.18
CA GLN B 96 -0.55 15.20 -23.73
C GLN B 96 -1.91 15.61 -23.18
N VAL B 97 -2.45 14.80 -22.28
CA VAL B 97 -3.67 15.13 -21.55
C VAL B 97 -3.25 15.72 -20.22
N THR B 98 -3.77 16.91 -19.90
CA THR B 98 -3.38 17.53 -18.64
C THR B 98 -4.63 18.00 -17.91
N CYS B 99 -4.46 18.24 -16.61
CA CYS B 99 -5.59 18.60 -15.74
C CYS B 99 -5.01 19.13 -14.44
N ALA B 100 -5.91 19.50 -13.52
CA ALA B 100 -5.54 20.34 -12.38
C ALA B 100 -4.55 19.62 -11.46
N THR B 101 -3.67 20.41 -10.85
CA THR B 101 -2.92 19.91 -9.72
C THR B 101 -3.77 20.02 -8.46
N PRO B 102 -3.64 19.07 -7.52
CA PRO B 102 -4.65 18.93 -6.45
C PRO B 102 -4.83 20.16 -5.57
N VAL B 103 -3.85 21.05 -5.48
CA VAL B 103 -4.08 22.26 -4.69
C VAL B 103 -5.20 23.10 -5.28
N MET B 104 -5.55 22.87 -6.54
CA MET B 104 -6.65 23.58 -7.18
C MET B 104 -8.02 23.02 -6.86
N PHE B 105 -8.11 21.85 -6.19
CA PHE B 105 -9.36 21.09 -6.15
C PHE B 105 -10.48 21.85 -5.44
N GLY B 106 -10.18 22.45 -4.29
CA GLY B 106 -11.20 23.20 -3.57
C GLY B 106 -12.29 22.38 -2.92
N TYR B 107 -12.03 21.09 -2.63
CA TYR B 107 -13.08 20.21 -2.11
C TYR B 107 -13.59 20.63 -0.74
N THR B 108 -12.78 21.32 0.06
CA THR B 108 -13.19 21.73 1.40
C THR B 108 -13.93 23.07 1.42
N TRP B 109 -14.17 23.68 0.27
CA TRP B 109 -14.79 25.00 0.22
C TRP B 109 -16.32 24.88 0.21
N GLU B 110 -16.97 25.99 0.59
CA GLU B 110 -18.42 26.12 0.38
C GLU B 110 -18.76 25.81 -1.07
N ALA B 111 -19.88 25.11 -1.26
CA ALA B 111 -20.11 24.42 -2.52
C ALA B 111 -20.26 25.37 -3.70
N ASN B 112 -20.99 26.48 -3.50
CA ASN B 112 -21.18 27.40 -4.62
C ASN B 112 -19.86 28.05 -5.02
N LYS B 113 -19.11 28.55 -4.03
CA LYS B 113 -17.77 29.07 -4.29
C LYS B 113 -16.92 28.06 -5.04
N ALA B 114 -16.96 26.79 -4.62
CA ALA B 114 -16.16 25.77 -5.28
C ALA B 114 -16.60 25.50 -6.70
N ALA B 115 -17.90 25.57 -6.97
CA ALA B 115 -18.37 25.41 -8.35
C ALA B 115 -17.91 26.57 -9.23
N GLN B 116 -18.02 27.80 -8.74
CA GLN B 116 -17.55 28.95 -9.52
C GLN B 116 -16.06 28.83 -9.79
N TRP B 117 -15.30 28.44 -8.75
CA TRP B 117 -13.87 28.19 -8.89
C TRP B 117 -13.59 27.12 -9.94
N ALA B 118 -14.35 26.02 -9.90
CA ALA B 118 -14.11 24.93 -10.84
C ALA B 118 -14.30 25.41 -12.28
N GLU B 119 -15.38 26.15 -12.53
CA GLU B 119 -15.59 26.70 -13.87
C GLU B 119 -14.43 27.61 -14.28
N ARG B 120 -13.96 28.45 -13.36
CA ARG B 120 -12.83 29.32 -13.68
C ARG B 120 -11.59 28.50 -14.01
N MET B 121 -11.29 27.51 -13.16
CA MET B 121 -10.14 26.65 -13.42
C MET B 121 -10.29 25.90 -14.72
N ASN B 122 -11.49 25.38 -15.00
CA ASN B 122 -11.71 24.66 -16.24
C ASN B 122 -11.59 25.57 -17.46
N ASP B 123 -11.89 26.87 -17.30
CA ASP B 123 -11.62 27.84 -18.37
C ASP B 123 -10.11 28.06 -18.52
N PHE B 124 -9.40 28.23 -17.41
CA PHE B 124 -7.95 28.32 -17.48
C PHE B 124 -7.36 27.13 -18.24
N ALA B 125 -7.94 25.94 -18.03
CA ALA B 125 -7.43 24.74 -18.70
C ALA B 125 -7.66 24.84 -20.20
N LEU B 126 -8.88 25.23 -20.60
CA LEU B 126 -9.13 25.42 -22.02
C LEU B 126 -8.20 26.47 -22.60
N GLU B 127 -8.00 27.59 -21.87
CA GLU B 127 -7.06 28.60 -22.37
C GLU B 127 -5.65 28.04 -22.49
N PHE B 128 -5.24 27.19 -21.53
CA PHE B 128 -3.94 26.55 -21.59
C PHE B 128 -3.83 25.65 -22.81
N ALA B 129 -4.86 24.85 -23.08
CA ALA B 129 -4.84 23.95 -24.24
C ALA B 129 -4.92 24.72 -25.55
N ALA B 130 -5.56 25.89 -25.54
CA ALA B 130 -5.70 26.69 -26.76
C ALA B 130 -4.34 27.06 -27.35
N HIS B 131 -3.27 27.02 -26.56
CA HIS B 131 -1.95 27.30 -27.14
C HIS B 131 -1.62 26.30 -28.24
N ASN B 132 -2.06 25.04 -28.11
CA ASN B 132 -1.90 24.06 -29.17
C ASN B 132 -2.90 22.94 -28.91
N PRO B 133 -4.16 23.09 -29.34
CA PRO B 133 -5.18 22.08 -28.98
C PRO B 133 -5.02 20.75 -29.70
N GLN B 134 -4.22 20.68 -30.75
CA GLN B 134 -3.95 19.37 -31.35
C GLN B 134 -3.05 18.53 -30.44
N ARG B 135 -2.18 19.16 -29.66
CA ARG B 135 -1.19 18.46 -28.87
C ARG B 135 -1.46 18.53 -27.37
N ILE B 136 -2.35 19.41 -26.93
CA ILE B 136 -2.65 19.58 -25.51
C ILE B 136 -4.15 19.41 -25.32
N LYS B 137 -4.54 18.36 -24.60
CA LYS B 137 -5.92 18.13 -24.23
C LYS B 137 -6.05 18.29 -22.73
N VAL B 138 -7.26 18.57 -22.27
CA VAL B 138 -7.47 18.85 -20.85
C VAL B 138 -8.64 18.04 -20.30
N LEU B 139 -8.57 17.79 -18.99
CA LEU B 139 -9.67 17.25 -18.21
C LEU B 139 -10.05 18.28 -17.15
N ALA B 140 -11.31 18.23 -16.74
CA ALA B 140 -11.91 19.21 -15.85
C ALA B 140 -11.87 18.75 -14.40
N GLN B 141 -11.98 19.72 -13.50
CA GLN B 141 -12.24 19.47 -12.09
C GLN B 141 -13.68 19.80 -11.79
N VAL B 142 -14.22 19.17 -10.74
CA VAL B 142 -15.63 19.39 -10.38
C VAL B 142 -15.74 19.62 -8.88
N PRO B 143 -16.73 20.39 -8.42
CA PRO B 143 -16.96 20.53 -6.98
C PRO B 143 -17.53 19.25 -6.38
N LEU B 144 -16.67 18.27 -6.14
CA LEU B 144 -17.13 16.94 -5.75
C LEU B 144 -17.91 16.95 -4.44
N GLN B 145 -17.82 18.01 -3.64
CA GLN B 145 -18.51 18.02 -2.36
C GLN B 145 -20.01 18.27 -2.48
N ASP B 146 -20.51 18.54 -3.68
CA ASP B 146 -21.95 18.72 -3.92
C ASP B 146 -22.30 17.97 -5.19
N LEU B 147 -23.10 16.91 -5.05
CA LEU B 147 -23.40 16.03 -6.19
C LEU B 147 -23.94 16.83 -7.38
N ASP B 148 -25.00 17.61 -7.17
CA ASP B 148 -25.66 18.26 -8.31
C ASP B 148 -24.75 19.27 -8.99
N LEU B 149 -24.02 20.07 -8.21
CA LEU B 149 -23.08 21.02 -8.79
C LEU B 149 -21.96 20.30 -9.53
N ALA B 150 -21.50 19.16 -8.99
CA ALA B 150 -20.40 18.44 -9.62
C ALA B 150 -20.80 17.88 -10.99
N CYS B 151 -21.96 17.24 -11.08
CA CYS B 151 -22.37 16.67 -12.37
C CYS B 151 -22.68 17.75 -13.40
N LYS B 152 -23.26 18.87 -12.98
CA LYS B 152 -23.57 19.87 -14.00
C LYS B 152 -22.30 20.54 -14.50
N GLU B 153 -21.29 20.71 -13.63
CA GLU B 153 -19.99 21.21 -14.11
C GLU B 153 -19.30 20.20 -15.00
N ALA B 154 -19.45 18.90 -14.69
CA ALA B 154 -18.87 17.86 -15.52
C ALA B 154 -19.41 17.94 -16.94
N SER B 155 -20.73 18.06 -17.07
CA SER B 155 -21.34 18.17 -18.39
C SER B 155 -20.94 19.48 -19.05
N ARG B 156 -20.97 20.59 -18.30
CA ARG B 156 -20.62 21.89 -18.86
C ARG B 156 -19.21 21.89 -19.43
N ALA B 157 -18.25 21.33 -18.67
CA ALA B 157 -16.85 21.39 -19.09
C ALA B 157 -16.56 20.49 -20.28
N VAL B 158 -17.23 19.34 -20.33
CA VAL B 158 -17.03 18.43 -21.45
C VAL B 158 -17.62 19.03 -22.74
N ALA B 159 -18.80 19.66 -22.63
CA ALA B 159 -19.37 20.34 -23.79
C ALA B 159 -18.45 21.45 -24.27
N ALA B 160 -17.88 22.20 -23.33
CA ALA B 160 -16.97 23.30 -23.67
C ALA B 160 -15.63 22.82 -24.20
N GLY B 161 -15.35 21.52 -24.27
CA GLY B 161 -14.11 21.06 -24.87
C GLY B 161 -13.25 20.09 -24.06
N HIS B 162 -13.48 19.98 -22.76
CA HIS B 162 -12.71 19.03 -21.96
C HIS B 162 -13.05 17.60 -22.39
N LEU B 163 -12.05 16.72 -22.38
CA LEU B 163 -12.22 15.33 -22.76
C LEU B 163 -12.64 14.42 -21.61
N GLY B 164 -12.83 14.97 -20.41
CA GLY B 164 -13.18 14.14 -19.27
C GLY B 164 -12.95 14.92 -17.98
N ILE B 165 -12.87 14.17 -16.89
CA ILE B 165 -12.72 14.74 -15.56
C ILE B 165 -11.58 14.06 -14.83
N GLN B 166 -10.88 14.83 -14.01
CA GLN B 166 -9.97 14.27 -13.03
C GLN B 166 -10.49 14.63 -11.64
N ILE B 167 -10.66 13.62 -10.80
CA ILE B 167 -11.01 13.84 -9.41
C ILE B 167 -9.88 13.32 -8.55
N GLY B 168 -9.81 13.80 -7.33
CA GLY B 168 -8.95 13.18 -6.35
C GLY B 168 -9.57 11.88 -5.90
N ASN B 169 -8.77 11.04 -5.23
CA ASN B 169 -9.27 9.71 -4.90
C ASN B 169 -10.10 9.68 -3.61
N HIS B 170 -10.05 10.72 -2.78
CA HIS B 170 -10.87 10.73 -1.59
C HIS B 170 -11.12 12.16 -1.15
N LEU B 171 -12.20 12.35 -0.40
CA LEU B 171 -12.57 13.63 0.18
C LEU B 171 -12.54 13.45 1.70
N GLY B 172 -11.37 13.70 2.29
CA GLY B 172 -11.23 13.42 3.70
C GLY B 172 -11.51 11.95 3.92
N ASP B 173 -12.41 11.65 4.84
CA ASP B 173 -12.73 10.27 5.22
C ASP B 173 -13.72 9.61 4.27
N LYS B 174 -14.13 10.28 3.21
CA LYS B 174 -15.08 9.74 2.24
C LYS B 174 -14.29 9.17 1.07
N ASP B 175 -14.28 7.85 0.93
CA ASP B 175 -13.60 7.19 -0.17
C ASP B 175 -14.60 6.97 -1.31
N LEU B 176 -14.16 6.31 -2.39
CA LEU B 176 -15.00 6.27 -3.59
C LEU B 176 -16.28 5.46 -3.40
N ASP B 177 -16.39 4.67 -2.32
CA ASP B 177 -17.62 3.97 -1.99
C ASP B 177 -18.71 4.89 -1.43
N ASP B 178 -18.36 6.11 -1.06
CA ASP B 178 -19.37 7.06 -0.60
C ASP B 178 -20.45 7.26 -1.67
N ALA B 179 -21.71 7.29 -1.21
CA ALA B 179 -22.84 7.37 -2.13
C ALA B 179 -22.72 8.59 -3.04
N THR B 180 -22.41 9.76 -2.47
CA THR B 180 -22.23 10.97 -3.28
C THR B 180 -21.24 10.73 -4.42
N LEU B 181 -20.13 10.07 -4.12
CA LEU B 181 -19.11 9.84 -5.15
C LEU B 181 -19.53 8.77 -6.13
N GLU B 182 -20.14 7.69 -5.64
CA GLU B 182 -20.64 6.66 -6.56
C GLU B 182 -21.64 7.27 -7.53
N ALA B 183 -22.56 8.08 -7.00
CA ALA B 183 -23.54 8.75 -7.85
C ALA B 183 -22.86 9.61 -8.92
N PHE B 184 -21.74 10.25 -8.58
CA PHE B 184 -21.08 11.09 -9.57
C PHE B 184 -20.54 10.24 -10.71
N LEU B 185 -19.92 9.11 -10.38
CA LEU B 185 -19.40 8.22 -11.42
C LEU B 185 -20.53 7.71 -12.32
N THR B 186 -21.70 7.45 -11.73
CA THR B 186 -22.84 6.99 -12.51
C THR B 186 -23.28 8.07 -13.49
N HIS B 187 -23.36 9.32 -13.03
CA HIS B 187 -23.63 10.41 -13.93
C HIS B 187 -22.65 10.40 -15.10
N CYS B 188 -21.35 10.24 -14.80
CA CYS B 188 -20.38 10.32 -15.89
C CYS B 188 -20.42 9.10 -16.77
N ALA B 189 -20.71 7.91 -16.21
CA ALA B 189 -20.95 6.74 -17.05
C ALA B 189 -22.08 7.01 -18.04
N ASN B 190 -23.19 7.56 -17.55
CA ASN B 190 -24.38 7.75 -18.36
C ASN B 190 -24.19 8.77 -19.48
N GLU B 191 -23.26 9.71 -19.34
CA GLU B 191 -23.02 10.69 -20.38
C GLU B 191 -21.72 10.46 -21.12
N ASP B 192 -21.14 9.26 -20.98
CA ASP B 192 -19.89 8.89 -21.66
C ASP B 192 -18.78 9.90 -21.36
N ILE B 193 -18.75 10.37 -20.12
CA ILE B 193 -17.70 11.26 -19.64
C ILE B 193 -16.62 10.40 -18.99
N PRO B 194 -15.44 10.27 -19.57
CA PRO B 194 -14.37 9.50 -18.93
C PRO B 194 -13.84 10.19 -17.67
N ILE B 195 -13.21 9.40 -16.80
CA ILE B 195 -12.76 9.85 -15.48
C ILE B 195 -11.34 9.38 -15.19
N LEU B 196 -10.53 10.29 -14.67
CA LEU B 196 -9.20 10.02 -14.17
C LEU B 196 -9.21 10.24 -12.67
N VAL B 197 -8.70 9.26 -11.92
CA VAL B 197 -8.59 9.35 -10.46
C VAL B 197 -7.13 9.61 -10.14
N HIS B 198 -6.86 10.72 -9.44
CA HIS B 198 -5.51 11.09 -9.04
C HIS B 198 -5.40 10.98 -7.54
N PRO B 199 -4.46 10.21 -7.00
CA PRO B 199 -4.33 10.14 -5.54
C PRO B 199 -3.74 11.42 -4.97
N TRP B 200 -4.24 11.82 -3.81
CA TRP B 200 -3.80 13.06 -3.19
C TRP B 200 -4.17 13.01 -1.71
N ASP B 201 -3.68 14.00 -0.96
CA ASP B 201 -3.97 14.13 0.47
C ASP B 201 -3.72 12.79 1.19
N MET B 202 -2.46 12.38 1.14
CA MET B 202 -2.04 11.02 1.45
C MET B 202 -2.22 10.67 2.93
N MET B 203 -2.71 9.46 3.18
CA MET B 203 -2.81 8.94 4.53
C MET B 203 -1.42 8.78 5.16
N GLY B 204 -1.40 8.77 6.50
CA GLY B 204 -0.20 8.46 7.26
C GLY B 204 0.86 9.53 7.25
N GLY B 205 0.47 10.79 7.03
CA GLY B 205 1.45 11.83 6.74
C GLY B 205 2.43 12.09 7.87
N GLN B 206 1.98 12.05 9.11
CA GLN B 206 2.89 12.34 10.23
C GLN B 206 4.04 11.35 10.32
N ARG B 207 3.99 10.24 9.59
CA ARG B 207 5.01 9.20 9.64
C ARG B 207 5.90 9.19 8.41
N MET B 208 5.65 10.05 7.42
CA MET B 208 6.32 9.90 6.13
C MET B 208 6.93 11.20 5.69
N LYS B 209 7.73 11.79 6.57
CA LYS B 209 8.18 13.14 6.31
C LYS B 209 9.59 13.24 5.75
N LYS B 210 10.17 12.11 5.34
CA LYS B 210 11.45 12.14 4.65
C LYS B 210 11.43 11.16 3.48
N TRP B 211 12.42 11.32 2.59
CA TRP B 211 12.77 10.32 1.56
C TRP B 211 11.60 10.02 0.63
N MET B 212 10.72 10.99 0.42
CA MET B 212 9.59 10.85 -0.50
C MET B 212 8.67 9.70 -0.11
N LEU B 213 8.63 9.33 1.17
CA LEU B 213 7.74 8.25 1.59
C LEU B 213 6.29 8.45 1.21
N PRO B 214 5.71 9.68 1.24
CA PRO B 214 4.30 9.80 0.81
C PRO B 214 4.04 9.31 -0.59
N TRP B 215 4.99 9.52 -1.51
CA TRP B 215 4.83 9.05 -2.88
C TRP B 215 5.23 7.59 -3.05
N LEU B 216 6.14 7.08 -2.21
CA LEU B 216 6.59 5.70 -2.33
C LEU B 216 5.70 4.73 -1.59
N VAL B 217 5.10 5.14 -0.48
CA VAL B 217 4.31 4.25 0.37
C VAL B 217 2.83 4.65 0.35
N ALA B 218 2.54 5.89 0.77
CA ALA B 218 1.14 6.24 0.95
C ALA B 218 0.40 6.35 -0.38
N MET B 219 1.09 6.77 -1.44
CA MET B 219 0.39 7.03 -2.70
C MET B 219 -0.05 5.73 -3.40
N PRO B 220 0.79 4.70 -3.54
CA PRO B 220 0.26 3.42 -4.05
C PRO B 220 -0.88 2.87 -3.22
N ALA B 221 -0.82 2.97 -1.90
CA ALA B 221 -1.91 2.52 -1.03
C ALA B 221 -3.18 3.31 -1.29
N GLU B 222 -3.06 4.64 -1.48
CA GLU B 222 -4.23 5.47 -1.75
C GLU B 222 -4.94 4.99 -3.00
N THR B 223 -4.19 4.72 -4.07
CA THR B 223 -4.79 4.26 -5.30
C THR B 223 -5.46 2.90 -5.10
N GLN B 224 -4.73 1.94 -4.51
CA GLN B 224 -5.33 0.64 -4.24
C GLN B 224 -6.62 0.80 -3.45
N LEU B 225 -6.56 1.59 -2.38
CA LEU B 225 -7.76 1.80 -1.56
C LEU B 225 -8.92 2.30 -2.40
N ALA B 226 -8.65 3.18 -3.37
CA ALA B 226 -9.75 3.72 -4.17
C ALA B 226 -10.37 2.65 -5.07
N ILE B 227 -9.53 1.83 -5.70
CA ILE B 227 -10.06 0.73 -6.51
C ILE B 227 -10.87 -0.24 -5.65
N LEU B 228 -10.31 -0.64 -4.50
CA LEU B 228 -10.97 -1.64 -3.66
C LEU B 228 -12.24 -1.08 -3.04
N SER B 229 -12.31 0.23 -2.83
CA SER B 229 -13.54 0.79 -2.28
C SER B 229 -14.69 0.70 -3.26
N LEU B 230 -14.40 0.83 -4.56
CA LEU B 230 -15.45 0.62 -5.55
C LEU B 230 -15.85 -0.85 -5.63
N ILE B 231 -14.88 -1.76 -5.53
CA ILE B 231 -15.18 -3.19 -5.68
C ILE B 231 -15.93 -3.72 -4.46
N LEU B 232 -15.31 -3.65 -3.28
CA LEU B 232 -15.86 -4.32 -2.11
C LEU B 232 -17.16 -3.70 -1.64
N SER B 233 -17.45 -2.47 -2.02
CA SER B 233 -18.74 -1.87 -1.72
C SER B 233 -19.82 -2.29 -2.68
N GLY B 234 -19.46 -2.97 -3.77
CA GLY B 234 -20.38 -3.27 -4.86
C GLY B 234 -20.68 -2.12 -5.77
N ALA B 235 -19.99 -0.98 -5.62
CA ALA B 235 -20.26 0.16 -6.47
C ALA B 235 -20.12 -0.21 -7.94
N PHE B 236 -19.13 -1.02 -8.29
CA PHE B 236 -18.98 -1.44 -9.68
C PHE B 236 -20.17 -2.24 -10.15
N GLU B 237 -20.88 -2.93 -9.24
CA GLU B 237 -22.10 -3.65 -9.63
C GLU B 237 -23.22 -2.69 -10.02
N ARG B 238 -23.37 -1.58 -9.30
CA ARG B 238 -24.43 -0.61 -9.56
C ARG B 238 -24.05 0.44 -10.60
N ILE B 239 -22.77 0.69 -10.80
CA ILE B 239 -22.33 1.71 -11.76
C ILE B 239 -22.36 1.12 -13.16
N PRO B 240 -23.03 1.76 -14.12
CA PRO B 240 -23.12 1.21 -15.47
C PRO B 240 -21.75 0.86 -16.04
N LYS B 241 -21.70 -0.23 -16.80
CA LYS B 241 -20.46 -0.65 -17.42
C LYS B 241 -19.93 0.36 -18.44
N SER B 242 -20.72 1.35 -18.84
CA SER B 242 -20.22 2.33 -19.80
C SER B 242 -19.13 3.21 -19.20
N LEU B 243 -19.07 3.32 -17.87
CA LEU B 243 -18.06 4.15 -17.21
C LEU B 243 -16.66 3.82 -17.70
N LYS B 244 -15.96 4.85 -18.21
CA LYS B 244 -14.53 4.75 -18.51
C LYS B 244 -13.81 5.48 -17.38
N ILE B 245 -13.07 4.73 -16.57
CA ILE B 245 -12.37 5.29 -15.42
C ILE B 245 -10.97 4.71 -15.35
N CYS B 246 -9.99 5.58 -15.10
CA CYS B 246 -8.59 5.19 -15.06
C CYS B 246 -7.95 5.65 -13.76
N PHE B 247 -7.12 4.79 -13.19
CA PHE B 247 -6.39 5.07 -11.96
C PHE B 247 -4.92 5.31 -12.30
N GLY B 248 -4.31 6.24 -11.59
CA GLY B 248 -2.94 6.59 -11.87
C GLY B 248 -1.95 5.65 -11.25
N HIS B 249 -0.70 5.77 -11.70
CA HIS B 249 0.42 5.06 -11.09
C HIS B 249 0.23 3.56 -11.10
N GLY B 250 -0.26 3.04 -12.22
CA GLY B 250 -0.40 1.61 -12.36
C GLY B 250 -1.48 0.99 -11.51
N GLY B 251 -2.37 1.79 -10.93
CA GLY B 251 -3.24 1.27 -9.91
C GLY B 251 -2.60 1.16 -8.55
N GLY B 252 -1.38 1.70 -8.40
CA GLY B 252 -0.71 1.60 -7.12
C GLY B 252 -0.30 0.17 -6.90
N SER B 253 -0.54 -0.34 -5.71
CA SER B 253 -0.16 -1.72 -5.42
C SER B 253 -1.31 -2.70 -5.71
N PHE B 254 -2.39 -2.23 -6.35
CA PHE B 254 -3.57 -3.07 -6.53
C PHE B 254 -3.25 -4.40 -7.21
N ALA B 255 -2.58 -4.35 -8.35
CA ALA B 255 -2.35 -5.56 -9.13
C ALA B 255 -1.53 -6.59 -8.35
N PHE B 256 -0.57 -6.13 -7.56
CA PHE B 256 0.26 -7.06 -6.80
C PHE B 256 -0.51 -7.66 -5.61
N LEU B 257 -1.39 -6.89 -5.00
CA LEU B 257 -2.09 -7.33 -3.80
C LEU B 257 -3.45 -7.96 -4.10
N LEU B 258 -3.78 -8.16 -5.39
CA LEU B 258 -5.09 -8.70 -5.75
C LEU B 258 -5.28 -10.13 -5.21
N GLY B 259 -4.24 -10.96 -5.33
CA GLY B 259 -4.34 -12.31 -4.76
C GLY B 259 -4.71 -12.30 -3.29
N ARG B 260 -4.07 -11.43 -2.50
CA ARG B 260 -4.43 -11.32 -1.09
C ARG B 260 -5.88 -10.87 -0.92
N VAL B 261 -6.36 -10.01 -1.82
CA VAL B 261 -7.75 -9.57 -1.74
C VAL B 261 -8.70 -10.73 -2.06
N ASP B 262 -8.42 -11.48 -3.14
CA ASP B 262 -9.26 -12.62 -3.48
C ASP B 262 -9.27 -13.65 -2.36
N ASN B 263 -8.08 -13.99 -1.84
CA ASN B 263 -8.04 -14.94 -0.73
C ASN B 263 -8.64 -14.38 0.53
N ALA B 264 -9.09 -13.15 0.65
CA ALA B 264 -9.91 -12.75 1.78
C ALA B 264 -11.39 -12.84 1.48
N TRP B 265 -11.76 -12.46 0.26
CA TRP B 265 -13.14 -12.60 -0.21
C TRP B 265 -13.57 -14.06 -0.12
N ARG B 266 -12.81 -14.96 -0.72
CA ARG B 266 -12.87 -16.34 -0.30
C ARG B 266 -12.39 -16.36 1.14
N HIS B 267 -13.25 -16.80 2.05
CA HIS B 267 -12.92 -17.13 3.45
C HIS B 267 -13.49 -16.20 4.51
N ARG B 268 -13.91 -14.98 4.20
CA ARG B 268 -14.59 -14.19 5.21
C ARG B 268 -15.87 -13.55 4.68
N ASP B 269 -16.96 -13.77 5.42
CA ASP B 269 -18.27 -13.28 4.99
C ASP B 269 -18.27 -11.77 4.83
N ILE B 270 -17.63 -11.04 5.75
CA ILE B 270 -17.77 -9.59 5.75
C ILE B 270 -17.06 -8.95 4.56
N VAL B 271 -16.03 -9.62 4.03
CA VAL B 271 -15.41 -9.16 2.79
C VAL B 271 -16.34 -9.39 1.60
N ARG B 272 -17.35 -10.25 1.76
CA ARG B 272 -18.30 -10.57 0.70
C ARG B 272 -19.63 -9.83 0.83
N GLU B 273 -19.89 -9.18 1.98
CA GLU B 273 -21.22 -8.65 2.28
C GLU B 273 -21.79 -7.82 1.14
N ASP B 274 -20.97 -6.98 0.49
CA ASP B 274 -21.48 -6.15 -0.59
C ASP B 274 -20.83 -6.43 -1.94
N CYS B 275 -19.94 -7.42 -2.04
CA CYS B 275 -19.26 -7.66 -3.31
C CYS B 275 -19.62 -9.07 -3.78
N PRO B 276 -20.53 -9.20 -4.75
CA PRO B 276 -21.16 -10.50 -5.06
C PRO B 276 -20.38 -11.36 -6.04
N ARG B 277 -19.12 -11.04 -6.26
CA ARG B 277 -18.27 -11.88 -7.09
C ARG B 277 -16.85 -11.67 -6.63
N PRO B 278 -15.93 -12.58 -6.97
CA PRO B 278 -14.53 -12.39 -6.56
C PRO B 278 -13.97 -11.09 -7.11
N PRO B 279 -13.29 -10.32 -6.25
CA PRO B 279 -12.80 -8.98 -6.65
C PRO B 279 -12.05 -8.95 -7.97
N SER B 280 -11.19 -9.94 -8.24
CA SER B 280 -10.37 -9.90 -9.45
C SER B 280 -11.20 -9.92 -10.74
N GLU B 281 -12.50 -10.19 -10.67
CA GLU B 281 -13.32 -10.18 -11.88
C GLU B 281 -13.62 -8.77 -12.35
N TYR B 282 -13.45 -7.77 -11.50
CA TYR B 282 -13.71 -6.39 -11.86
C TYR B 282 -12.55 -5.72 -12.59
N VAL B 283 -11.46 -6.42 -12.91
CA VAL B 283 -10.40 -5.78 -13.68
C VAL B 283 -10.82 -5.42 -15.09
N ASP B 284 -12.01 -5.83 -15.51
CA ASP B 284 -12.57 -5.38 -16.77
C ASP B 284 -13.32 -4.06 -16.63
N ARG B 285 -13.44 -3.52 -15.43
CA ARG B 285 -14.24 -2.34 -15.19
C ARG B 285 -13.42 -1.05 -15.09
N PHE B 286 -12.11 -1.10 -15.27
CA PHE B 286 -11.33 0.12 -15.12
C PHE B 286 -10.01 -0.04 -15.85
N PHE B 287 -9.25 1.06 -15.91
CA PHE B 287 -7.97 1.19 -16.57
C PHE B 287 -6.94 1.67 -15.57
N VAL B 288 -5.66 1.52 -15.92
CA VAL B 288 -4.56 2.10 -15.14
C VAL B 288 -3.51 2.69 -16.09
N ASP B 289 -2.74 3.66 -15.58
CA ASP B 289 -1.63 4.07 -16.41
C ASP B 289 -0.47 3.10 -16.20
N SER B 290 0.59 3.29 -16.99
CA SER B 290 1.68 2.32 -17.04
C SER B 290 2.83 2.65 -16.09
N ALA B 291 2.66 3.58 -15.15
CA ALA B 291 3.79 4.08 -14.36
C ALA B 291 4.06 3.15 -13.17
N VAL B 292 4.90 2.14 -13.40
CA VAL B 292 5.34 1.26 -12.32
C VAL B 292 6.85 1.10 -12.29
N PHE B 293 7.58 1.76 -13.19
CA PHE B 293 9.03 1.94 -13.09
C PHE B 293 9.81 0.63 -13.04
N ASN B 294 9.24 -0.47 -13.53
CA ASN B 294 9.99 -1.73 -13.47
C ASN B 294 9.43 -2.70 -14.51
N PRO B 295 10.31 -3.31 -15.33
CA PRO B 295 9.80 -4.22 -16.36
C PRO B 295 8.98 -5.37 -15.79
N GLY B 296 9.53 -6.08 -14.80
CA GLY B 296 8.80 -7.18 -14.19
C GLY B 296 7.47 -6.72 -13.62
N ALA B 297 7.45 -5.54 -12.99
CA ALA B 297 6.19 -5.05 -12.43
C ALA B 297 5.21 -4.70 -13.54
N LEU B 298 5.72 -4.23 -14.68
CA LEU B 298 4.83 -3.90 -15.80
C LEU B 298 4.24 -5.17 -16.40
N GLU B 299 5.05 -6.22 -16.57
CA GLU B 299 4.54 -7.50 -17.07
C GLU B 299 3.44 -8.03 -16.17
N LEU B 300 3.66 -7.96 -14.85
CA LEU B 300 2.62 -8.36 -13.92
C LEU B 300 1.37 -7.50 -14.10
N LEU B 301 1.56 -6.18 -14.23
CA LEU B 301 0.43 -5.28 -14.39
C LEU B 301 -0.39 -5.62 -15.64
N VAL B 302 0.30 -5.81 -16.77
CA VAL B 302 -0.40 -6.15 -18.00
C VAL B 302 -1.04 -7.53 -17.87
N SER B 303 -0.34 -8.46 -17.22
CA SER B 303 -0.93 -9.77 -16.98
C SER B 303 -2.24 -9.65 -16.22
N VAL B 304 -2.32 -8.72 -15.26
CA VAL B 304 -3.53 -8.61 -14.47
C VAL B 304 -4.60 -7.82 -15.22
N MET B 305 -4.23 -6.68 -15.80
CA MET B 305 -5.22 -5.78 -16.39
C MET B 305 -5.52 -6.09 -17.84
N GLY B 306 -4.58 -6.70 -18.57
CA GLY B 306 -4.78 -6.92 -19.99
C GLY B 306 -4.28 -5.76 -20.81
N GLU B 307 -3.75 -6.05 -22.00
CA GLU B 307 -3.06 -5.03 -22.78
C GLU B 307 -3.97 -3.89 -23.20
N ASP B 308 -5.28 -4.04 -23.06
CA ASP B 308 -6.23 -3.02 -23.44
C ASP B 308 -6.51 -1.99 -22.34
N ARG B 309 -6.04 -2.22 -21.11
CA ARG B 309 -6.42 -1.39 -19.98
C ARG B 309 -5.24 -0.69 -19.32
N VAL B 310 -4.09 -0.67 -19.96
CA VAL B 310 -2.90 0.04 -19.49
C VAL B 310 -2.57 1.14 -20.49
N MET B 311 -2.42 2.38 -20.01
CA MET B 311 -2.18 3.56 -20.84
C MET B 311 -0.93 4.29 -20.38
N LEU B 312 -0.07 4.68 -21.32
CA LEU B 312 1.10 5.47 -20.97
C LEU B 312 0.67 6.77 -20.28
N GLY B 313 1.29 7.05 -19.13
CA GLY B 313 1.00 8.22 -18.32
C GLY B 313 2.18 8.45 -17.40
N SER B 314 2.64 9.70 -17.28
CA SER B 314 3.93 9.98 -16.67
C SER B 314 3.88 10.75 -15.36
N ASP B 315 2.77 11.43 -15.04
CA ASP B 315 2.68 12.35 -13.92
C ASP B 315 3.54 13.59 -14.14
N TYR B 316 3.76 13.96 -15.40
CA TYR B 316 4.48 15.16 -15.78
C TYR B 316 3.72 16.42 -15.30
N PRO B 317 4.44 17.50 -14.93
CA PRO B 317 5.88 17.77 -14.95
C PRO B 317 6.67 17.10 -13.85
N PHE B 318 7.83 16.57 -14.22
CA PHE B 318 8.89 16.16 -13.33
C PHE B 318 10.18 16.54 -14.04
N PRO B 319 11.28 16.75 -13.31
CA PRO B 319 12.56 17.06 -13.96
C PRO B 319 12.98 15.93 -14.89
N LEU B 320 13.16 16.23 -16.18
CA LEU B 320 13.32 15.17 -17.17
C LEU B 320 14.67 14.46 -17.04
N GLY B 321 15.76 15.22 -17.05
CA GLY B 321 17.07 14.60 -16.95
C GLY B 321 17.30 13.58 -18.04
N GLU B 322 17.74 12.38 -17.65
CA GLU B 322 17.99 11.29 -18.58
C GLU B 322 16.77 10.41 -18.82
N GLN B 323 15.65 10.66 -18.15
CA GLN B 323 14.48 9.79 -18.22
C GLN B 323 13.71 9.98 -19.54
N LYS B 324 12.95 8.95 -19.92
CA LYS B 324 12.15 9.01 -21.14
C LYS B 324 10.72 8.60 -20.85
N ILE B 325 9.76 9.49 -21.11
CA ILE B 325 8.35 9.13 -21.04
C ILE B 325 8.09 8.01 -22.04
N GLY B 326 7.53 6.91 -21.58
CA GLY B 326 7.34 5.76 -22.43
C GLY B 326 8.55 4.86 -22.61
N GLY B 327 9.70 5.21 -22.05
CA GLY B 327 10.87 4.37 -22.21
C GLY B 327 10.69 2.97 -21.65
N LEU B 328 10.08 2.85 -20.46
CA LEU B 328 9.87 1.53 -19.87
C LEU B 328 9.01 0.66 -20.78
N VAL B 329 7.93 1.22 -21.31
CA VAL B 329 7.02 0.45 -22.16
C VAL B 329 7.71 0.07 -23.47
N LEU B 330 8.33 1.04 -24.12
CA LEU B 330 8.92 0.78 -25.44
C LEU B 330 10.05 -0.22 -25.36
N SER B 331 10.78 -0.24 -24.26
CA SER B 331 11.93 -1.12 -24.12
C SER B 331 11.54 -2.48 -23.54
N SER B 332 10.26 -2.69 -23.26
CA SER B 332 9.81 -3.92 -22.62
C SER B 332 9.83 -5.08 -23.62
N ASN B 333 9.34 -6.23 -23.17
CA ASN B 333 9.24 -7.43 -23.99
C ASN B 333 7.81 -7.69 -24.45
N LEU B 334 6.90 -6.74 -24.23
CA LEU B 334 5.53 -6.97 -24.66
C LEU B 334 5.44 -6.99 -26.18
N GLY B 335 4.31 -7.50 -26.68
CA GLY B 335 4.08 -7.48 -28.11
C GLY B 335 4.10 -6.06 -28.65
N GLU B 336 4.66 -5.89 -29.85
CA GLU B 336 4.63 -4.58 -30.48
C GLU B 336 3.19 -4.09 -30.60
N SER B 337 2.26 -5.00 -30.87
CA SER B 337 0.83 -4.66 -30.82
C SER B 337 0.44 -4.11 -29.45
N ALA B 338 0.93 -4.75 -28.38
CA ALA B 338 0.59 -4.34 -27.02
C ALA B 338 1.16 -2.95 -26.72
N LYS B 339 2.44 -2.74 -27.06
CA LYS B 339 3.06 -1.42 -26.89
C LYS B 339 2.22 -0.34 -27.54
N ASP B 340 1.82 -0.55 -28.80
CA ASP B 340 1.03 0.47 -29.50
C ASP B 340 -0.27 0.78 -28.76
N LYS B 341 -0.90 -0.24 -28.17
CA LYS B 341 -2.10 0.04 -27.38
C LYS B 341 -1.76 0.89 -26.17
N ILE B 342 -0.64 0.58 -25.50
CA ILE B 342 -0.24 1.31 -24.31
C ILE B 342 0.24 2.71 -24.67
N ILE B 343 1.11 2.80 -25.69
CA ILE B 343 1.67 4.08 -26.13
C ILE B 343 0.59 5.05 -26.59
N SER B 344 -0.48 4.54 -27.20
CA SER B 344 -1.33 5.43 -27.98
C SER B 344 -2.76 4.91 -28.14
N GLY B 345 -2.90 3.65 -28.56
CA GLY B 345 -4.20 3.14 -28.93
C GLY B 345 -5.23 3.25 -27.83
N ASN B 346 -4.87 2.83 -26.62
CA ASN B 346 -5.87 2.81 -25.55
C ASN B 346 -6.32 4.22 -25.19
N ALA B 347 -5.38 5.18 -25.16
CA ALA B 347 -5.75 6.54 -24.79
C ALA B 347 -6.60 7.20 -25.88
N SER B 348 -6.31 6.92 -27.15
CA SER B 348 -7.14 7.48 -28.21
C SER B 348 -8.58 7.05 -28.07
N LYS B 349 -8.80 5.77 -27.76
CA LYS B 349 -10.16 5.29 -27.58
C LYS B 349 -10.76 5.79 -26.26
N PHE B 350 -9.98 5.73 -25.19
CA PHE B 350 -10.49 6.14 -23.88
C PHE B 350 -10.93 7.61 -23.89
N PHE B 351 -10.12 8.48 -24.46
CA PHE B 351 -10.42 9.92 -24.44
C PHE B 351 -11.03 10.45 -25.73
N ASN B 352 -11.07 9.65 -26.81
CA ASN B 352 -11.52 10.07 -28.14
C ASN B 352 -10.58 11.13 -28.74
N ILE B 353 -9.40 10.65 -29.07
CA ILE B 353 -8.36 11.43 -29.73
C ILE B 353 -8.02 10.75 -31.04
N ASN B 354 -7.65 11.54 -32.05
CA ASN B 354 -7.31 10.94 -33.34
C ASN B 354 -5.90 11.30 -33.82
ZN ZN C . -0.20 -12.94 11.00
FAT 1FL D . -5.35 -9.66 13.41
CAN 1FL D . -6.04 -10.31 14.40
CAM 1FL D . -5.81 -9.91 15.70
CAF 1FL D . -6.49 -10.55 16.70
FAE 1FL D . -6.26 -10.16 17.98
CAG 1FL D . -7.39 -11.57 16.46
CAH 1FL D . -7.62 -11.96 15.15
CAO 1FL D . -6.94 -11.34 14.09
CAP 1FL D . -7.24 -11.79 12.68
CAI 1FL D . -8.56 -12.01 12.32
CAJ 1FL D . -8.89 -12.42 11.03
CAC 1FL D . -10.34 -12.66 10.65
OAD 1FL D . -11.28 -11.97 11.15
OAB 1FL D . -10.58 -13.56 9.82
CAQ 1FL D . -6.25 -12.00 11.71
CAR 1FL D . -6.58 -12.40 10.42
CAK 1FL D . -7.90 -12.61 10.11
OAL 1FL D . -8.25 -13.04 8.82
C1 CIT E . 12.41 2.85 -16.65
O1 CIT E . 13.24 1.89 -16.78
O2 CIT E . 11.64 2.83 -15.66
C2 CIT E . 12.30 3.99 -17.65
C3 CIT E . 13.38 5.08 -17.54
O7 CIT E . 12.97 6.43 -18.03
C4 CIT E . 14.03 4.99 -16.15
C5 CIT E . 15.17 5.96 -15.90
O3 CIT E . 15.57 6.16 -14.74
O4 CIT E . 15.74 6.57 -16.84
C6 CIT E . 14.42 4.66 -18.54
O5 CIT E . 14.92 3.50 -18.40
O6 CIT E . 14.70 5.52 -19.44
C1 CIT F . -0.44 16.71 -4.40
O1 CIT F . -1.08 17.11 -3.38
O2 CIT F . -0.12 17.55 -5.31
C2 CIT F . -0.05 15.23 -4.50
C3 CIT F . 0.60 14.89 -5.86
O7 CIT F . -0.25 15.27 -6.93
C4 CIT F . 0.85 13.39 -5.91
C5 CIT F . 1.65 12.91 -7.13
O3 CIT F . 2.92 12.95 -7.14
O4 CIT F . 1.03 12.45 -8.13
C6 CIT F . 1.96 15.61 -5.98
O5 CIT F . 2.75 15.56 -5.01
O6 CIT F . 2.28 16.22 -7.03
#